data_3NKR
#
_entry.id   3NKR
#
_cell.length_a   61.544
_cell.length_b   94.107
_cell.length_c   75.308
_cell.angle_alpha   90.000
_cell.angle_beta   95.260
_cell.angle_gamma   90.000
#
_symmetry.space_group_name_H-M   'P 1 21 1'
#
loop_
_entity.id
_entity.type
_entity.pdbx_description
1 polymer 'Ectonucleotide pyrophosphatase/phosphodiesterase family member 2'
2 branched 2-acetamido-2-deoxy-beta-D-glucopyranose-(1-4)-2-acetamido-2-deoxy-beta-D-glucopyranose
3 branched alpha-D-mannopyranose-(1-2)-alpha-D-mannopyranose-(1-3)-alpha-D-mannopyranose-(1-6)-beta-D-mannopyranose-(1-4)-2-acetamido-2-deoxy-beta-D-glucopyranose-(1-4)-2-acetamido-2-deoxy-beta-D-glucopyranose
4 non-polymer 'ZINC ION'
5 non-polymer 'CALCIUM ION'
6 non-polymer 'SODIUM ION'
7 non-polymer 'POTASSIUM ION'
8 non-polymer '(2R)-2-hydroxy-3-(phosphonooxy)propyl (4Z,7E,10E,13Z,16Z,19Z)-docosa-4,7,10,13,16,19-hexaenoate'
9 non-polymer 'THIOCYANATE ION'
10 non-polymer 1,2-ETHANEDIOL
11 water water
#
_entity_poly.entity_id   1
_entity_poly.type   'polypeptide(L)'
_entity_poly.pdbx_seq_one_letter_code
;AEWDEGPPTVLSDSPWTNTSGSCKGRCFELQEVGPPDCRCDNLCKSYSSCCHDFDELCLKTARGWECTKDRCGEVRNEEN
ACHCSEDCLSRGDCCTNYQVVCKGESHWVDDDCEEIRVPECPAGFVRPPLIIFSVDGFRASYMKKGSKVMPNIEKLRSCG
THAPYMRPVYPTKTFPNLYTLATGLYPESHGIVGNSMYDPVFDATFHLRGREKFNHRWWGGQPLWITATKQGVRAGTFFW
SVSIPHERRILTILQWLSLPDNERPSVYAFYSEQPDFSGHKYGPFGPEMTNPLREIDKTVGQLMDGLKQLKLHRCVNVIF
VGDHGMEDVTCDRTEFLSNYLTNVDDITLVPGTLGRIRPKIPNNLKYDPKAIIANLTCKKPDQHFKPYMKQHLPKRLHYA
NNRRIEDLHLLVERRWHVARKPLDVYKKPSGKCFFQGDHGFDNKVNSMQTVFVGYGPTFKYRTKVPPFENIELYNVMCDL
LGLKPAPNNGTHGSLNHLLRTNTFRPTLPEEVSRPNYPGIMYLQSDFDLGCTCDDKNKLEELNKRLHTKGSTEERHLLYG
RPAVLYRTSYDILYHTDFESGYSEIFLMPLWTSYTISKQAEVSSIPEHLTNCVRPDVRVSPGFSQNCLAYKNDKQMSYGF
LFPPYLSSSPEAKYDAFLVTNMVPMYPAFKRVWTYFQRVLVKKYASERNGVNVISGPIFDYNYNGLRDIEDEIKQYVEGS
SIPVPTHYYSIITSCLDFTQPADKCDGPLSVSSFILPHRPDNDESCNSSEDESKWVEELMKMHTARVRDIEHLTGLDFYR
KTSRSYSEILTLKTYLHTYESEISRENLYFQ
;
_entity_poly.pdbx_strand_id   A
#
loop_
_chem_comp.id
_chem_comp.type
_chem_comp.name
_chem_comp.formula
BMA D-saccharide, beta linking beta-D-mannopyranose 'C6 H12 O6'
CA non-polymer 'CALCIUM ION' 'Ca 2'
EDO non-polymer 1,2-ETHANEDIOL 'C2 H6 O2'
K non-polymer 'POTASSIUM ION' 'K 1'
MAN D-saccharide, alpha linking alpha-D-mannopyranose 'C6 H12 O6'
NA non-polymer 'SODIUM ION' 'Na 1'
NAG D-saccharide, beta linking 2-acetamido-2-deoxy-beta-D-glucopyranose 'C8 H15 N O6'
NKR non-polymer '(2R)-2-hydroxy-3-(phosphonooxy)propyl (4Z,7E,10E,13Z,16Z,19Z)-docosa-4,7,10,13,16,19-hexaenoate' 'C25 H39 O7 P'
SCN non-polymer 'THIOCYANATE ION' 'C N S -1'
ZN non-polymer 'ZINC ION' 'Zn 2'
#
# COMPACT_ATOMS: atom_id res chain seq x y z
N TRP A 16 -11.65 -18.37 35.35
CA TRP A 16 -11.50 -19.81 35.24
C TRP A 16 -12.38 -20.37 34.12
N THR A 17 -11.83 -21.32 33.37
CA THR A 17 -12.62 -22.04 32.39
C THR A 17 -12.73 -23.50 32.79
N ASN A 18 -13.95 -24.01 32.81
CA ASN A 18 -14.19 -25.38 33.21
C ASN A 18 -13.92 -26.33 32.06
N THR A 19 -12.75 -26.94 32.07
CA THR A 19 -12.34 -27.77 30.95
C THR A 19 -12.93 -29.18 30.99
N SER A 20 -13.78 -29.49 31.97
CA SER A 20 -14.34 -30.83 32.05
C SER A 20 -15.46 -31.07 31.04
N GLY A 21 -16.00 -29.99 30.49
CA GLY A 21 -17.01 -30.09 29.46
C GLY A 21 -16.49 -30.89 28.27
N SER A 22 -17.36 -31.16 27.31
CA SER A 22 -16.99 -31.98 26.17
C SER A 22 -17.26 -31.25 24.85
N CYS A 23 -16.41 -31.51 23.86
CA CYS A 23 -16.58 -30.90 22.54
C CYS A 23 -17.43 -31.78 21.63
N LYS A 24 -18.08 -32.80 22.19
CA LYS A 24 -18.92 -33.67 21.39
C LYS A 24 -20.02 -32.87 20.73
N GLY A 25 -20.19 -33.03 19.42
CA GLY A 25 -21.18 -32.30 18.66
C GLY A 25 -20.83 -30.83 18.45
N ARG A 26 -19.63 -30.45 18.88
CA ARG A 26 -19.25 -29.05 18.97
C ARG A 26 -17.99 -28.64 18.20
N CYS A 27 -17.34 -29.58 17.53
CA CYS A 27 -16.04 -29.27 16.95
C CYS A 27 -16.07 -28.09 15.98
N PHE A 28 -15.18 -27.13 16.22
CA PHE A 28 -15.09 -25.92 15.41
C PHE A 28 -16.42 -25.23 15.29
N GLU A 29 -17.18 -25.24 16.38
CA GLU A 29 -18.44 -24.53 16.44
C GLU A 29 -18.12 -23.06 16.19
N LEU A 30 -19.06 -22.34 15.57
CA LEU A 30 -18.86 -20.92 15.30
C LEU A 30 -19.43 -20.06 16.44
N GLN A 31 -20.24 -20.68 17.28
CA GLN A 31 -20.82 -20.03 18.45
C GLN A 31 -19.75 -19.40 19.35
N GLU A 32 -20.02 -18.19 19.84
CA GLU A 32 -19.10 -17.50 20.75
C GLU A 32 -19.21 -18.10 22.15
N VAL A 33 -18.09 -18.52 22.70
CA VAL A 33 -18.12 -19.22 23.98
C VAL A 33 -17.11 -18.67 24.97
N GLY A 34 -17.63 -18.11 26.06
CA GLY A 34 -16.80 -17.52 27.07
C GLY A 34 -16.74 -18.35 28.34
N PRO A 35 -15.69 -18.12 29.14
CA PRO A 35 -15.53 -18.83 30.42
C PRO A 35 -16.69 -18.39 31.27
N PRO A 36 -17.25 -19.28 32.08
CA PRO A 36 -16.74 -20.59 32.55
C PRO A 36 -16.68 -21.71 31.51
N ASP A 37 -17.55 -21.68 30.50
CA ASP A 37 -17.62 -22.74 29.49
C ASP A 37 -16.32 -22.96 28.75
N CYS A 38 -15.99 -24.24 28.51
CA CYS A 38 -14.81 -24.58 27.73
C CYS A 38 -15.12 -24.53 26.23
N ARG A 39 -14.08 -24.41 25.43
CA ARG A 39 -14.25 -24.10 24.02
C ARG A 39 -13.77 -25.20 23.07
N CYS A 40 -14.23 -25.14 21.83
CA CYS A 40 -13.89 -26.14 20.82
C CYS A 40 -13.51 -25.51 19.48
N ASP A 41 -12.91 -24.34 19.53
CA ASP A 41 -12.55 -23.60 18.32
C ASP A 41 -11.04 -23.44 18.15
N ASN A 42 -10.65 -22.60 17.18
CA ASN A 42 -9.25 -22.35 16.89
C ASN A 42 -8.49 -21.58 17.95
N LEU A 43 -9.15 -20.64 18.59
CA LEU A 43 -8.46 -19.84 19.58
C LEU A 43 -8.29 -20.57 20.92
N CYS A 44 -8.90 -21.75 21.07
CA CYS A 44 -8.98 -22.33 22.41
C CYS A 44 -7.63 -22.64 23.07
N LYS A 45 -6.64 -23.04 22.27
CA LYS A 45 -5.33 -23.37 22.82
C LYS A 45 -4.56 -22.17 23.35
N SER A 46 -4.66 -21.04 22.65
CA SER A 46 -3.97 -19.82 23.06
C SER A 46 -4.47 -19.38 24.40
N TYR A 47 -5.68 -19.81 24.72
CA TYR A 47 -6.32 -19.38 25.95
C TYR A 47 -6.41 -20.54 26.93
N SER A 48 -5.82 -21.67 26.57
CA SER A 48 -5.86 -22.84 27.43
C SER A 48 -7.30 -23.00 27.92
N SER A 49 -8.23 -23.00 26.98
CA SER A 49 -9.64 -23.03 27.31
C SER A 49 -10.34 -24.15 26.57
N CYS A 50 -9.56 -25.00 25.90
CA CYS A 50 -10.16 -26.11 25.17
C CYS A 50 -10.83 -27.06 26.14
N CYS A 51 -11.85 -27.76 25.67
CA CYS A 51 -12.45 -28.83 26.45
C CYS A 51 -11.43 -29.97 26.47
N HIS A 52 -11.55 -30.84 27.47
CA HIS A 52 -10.55 -31.88 27.68
C HIS A 52 -10.46 -32.86 26.52
N ASP A 53 -11.50 -32.94 25.71
CA ASP A 53 -11.49 -33.88 24.59
C ASP A 53 -11.48 -33.19 23.22
N PHE A 54 -11.02 -31.94 23.19
CA PHE A 54 -10.89 -31.20 21.93
C PHE A 54 -9.96 -31.91 20.96
N ASP A 55 -8.72 -32.19 21.39
CA ASP A 55 -7.77 -32.82 20.48
C ASP A 55 -8.27 -34.18 20.00
N GLU A 56 -8.83 -34.97 20.93
CA GLU A 56 -9.35 -36.30 20.61
C GLU A 56 -10.52 -36.27 19.62
N LEU A 57 -11.50 -35.43 19.90
CA LEU A 57 -12.72 -35.42 19.09
C LEU A 57 -12.58 -34.58 17.82
N CYS A 58 -11.87 -33.46 17.92
CA CYS A 58 -11.88 -32.47 16.84
C CYS A 58 -10.67 -32.53 15.90
N LEU A 59 -9.62 -33.22 16.32
CA LEU A 59 -8.41 -33.27 15.51
C LEU A 59 -8.01 -34.68 15.08
N LYS A 60 -8.96 -35.46 14.60
CA LYS A 60 -8.64 -36.83 14.16
C LYS A 60 -7.65 -36.81 13.00
N THR A 61 -6.78 -37.81 12.96
CA THR A 61 -5.78 -37.89 11.90
C THR A 61 -5.73 -39.27 11.25
N ALA A 62 -6.51 -40.21 11.78
CA ALA A 62 -6.42 -41.60 11.33
C ALA A 62 -6.71 -41.79 9.85
N ARG A 63 -5.80 -42.47 9.17
CA ARG A 63 -5.94 -42.85 7.76
C ARG A 63 -5.62 -41.74 6.78
N GLY A 64 -5.22 -40.58 7.28
CA GLY A 64 -4.81 -39.50 6.41
C GLY A 64 -5.97 -38.80 5.75
N TRP A 65 -5.69 -38.12 4.65
CA TRP A 65 -6.61 -37.11 4.09
C TRP A 65 -7.16 -37.48 2.73
N GLU A 66 -6.86 -38.70 2.29
CA GLU A 66 -7.27 -39.11 0.95
C GLU A 66 -8.00 -40.45 0.94
N CYS A 67 -9.11 -40.49 0.23
CA CYS A 67 -9.74 -41.77 -0.07
C CYS A 67 -8.82 -42.61 -0.95
N THR A 68 -8.81 -43.91 -0.70
CA THR A 68 -8.16 -44.87 -1.59
C THR A 68 -9.24 -45.82 -2.06
N LYS A 69 -9.05 -46.44 -3.23
CA LYS A 69 -10.08 -47.30 -3.79
C LYS A 69 -10.61 -48.30 -2.76
N ASP A 70 -9.73 -48.76 -1.87
CA ASP A 70 -10.09 -49.79 -0.91
C ASP A 70 -10.99 -49.28 0.20
N ARG A 71 -11.25 -47.98 0.24
CA ARG A 71 -12.11 -47.38 1.27
C ARG A 71 -13.51 -47.06 0.76
N CYS A 72 -13.72 -47.17 -0.55
CA CYS A 72 -15.00 -46.76 -1.11
C CYS A 72 -16.13 -47.61 -0.52
N GLY A 73 -17.18 -46.94 -0.04
CA GLY A 73 -18.28 -47.65 0.57
C GLY A 73 -17.88 -48.44 1.80
N GLU A 74 -17.01 -47.86 2.61
CA GLU A 74 -16.65 -48.44 3.89
C GLU A 74 -17.80 -48.16 4.84
N VAL A 75 -17.87 -48.92 5.93
CA VAL A 75 -18.72 -48.50 7.04
C VAL A 75 -17.99 -47.36 7.74
N ARG A 76 -18.76 -46.35 8.12
CA ARG A 76 -18.26 -45.19 8.80
C ARG A 76 -17.57 -45.51 10.11
N ASN A 77 -16.31 -45.14 10.20
CA ASN A 77 -15.60 -45.19 11.45
C ASN A 77 -15.36 -43.73 11.85
N GLU A 78 -15.84 -43.34 13.01
CA GLU A 78 -15.79 -41.93 13.40
C GLU A 78 -14.39 -41.54 13.89
N GLU A 79 -13.47 -42.49 13.83
CA GLU A 79 -12.11 -42.23 14.28
C GLU A 79 -11.25 -41.75 13.10
N ASN A 80 -11.77 -41.89 11.90
CA ASN A 80 -11.05 -41.48 10.70
C ASN A 80 -11.06 -39.97 10.50
N ALA A 81 -9.96 -39.45 9.95
CA ALA A 81 -9.82 -38.01 9.69
C ALA A 81 -10.89 -37.48 8.74
N CYS A 82 -11.17 -38.23 7.69
CA CYS A 82 -12.28 -37.94 6.79
C CYS A 82 -12.84 -39.28 6.31
N HIS A 83 -13.92 -39.22 5.56
CA HIS A 83 -14.72 -40.42 5.31
C HIS A 83 -14.90 -40.74 3.84
N CYS A 84 -15.09 -42.03 3.54
CA CYS A 84 -15.27 -42.50 2.18
C CYS A 84 -16.48 -43.41 2.10
N SER A 85 -17.27 -43.40 3.16
CA SER A 85 -18.52 -44.14 3.23
C SER A 85 -19.59 -43.50 2.37
N GLU A 86 -20.64 -44.25 2.07
CA GLU A 86 -21.70 -43.79 1.19
C GLU A 86 -22.41 -42.54 1.70
N ASP A 87 -22.49 -42.38 3.02
CA ASP A 87 -23.21 -41.26 3.62
C ASP A 87 -22.41 -39.96 3.78
N CYS A 88 -21.15 -39.96 3.37
CA CYS A 88 -20.28 -38.84 3.71
C CYS A 88 -20.75 -37.53 3.08
N LEU A 89 -21.33 -37.61 1.90
CA LEU A 89 -21.74 -36.41 1.17
C LEU A 89 -22.80 -35.62 1.94
N SER A 90 -23.89 -36.29 2.32
CA SER A 90 -24.97 -35.65 3.06
CA SER A 90 -24.97 -35.63 3.06
C SER A 90 -24.48 -35.06 4.37
N ARG A 91 -23.47 -35.68 4.97
CA ARG A 91 -22.93 -35.22 6.25
C ARG A 91 -21.84 -34.16 6.10
N GLY A 92 -21.27 -34.04 4.92
CA GLY A 92 -20.28 -33.02 4.62
C GLY A 92 -18.87 -33.30 5.08
N ASP A 93 -18.53 -34.57 5.31
CA ASP A 93 -17.20 -34.90 5.81
C ASP A 93 -16.47 -35.95 4.99
N CYS A 94 -16.75 -36.00 3.70
CA CYS A 94 -15.96 -36.81 2.77
C CYS A 94 -14.54 -36.29 2.71
N CYS A 95 -13.58 -37.17 2.44
CA CYS A 95 -12.26 -36.71 2.01
C CYS A 95 -12.49 -35.96 0.71
N THR A 96 -11.64 -34.98 0.40
CA THR A 96 -11.92 -34.14 -0.75
C THR A 96 -11.87 -34.88 -2.09
N ASN A 97 -11.16 -36.01 -2.15
CA ASN A 97 -11.01 -36.73 -3.40
C ASN A 97 -11.95 -37.92 -3.49
N TYR A 98 -12.97 -37.94 -2.64
CA TYR A 98 -13.87 -39.08 -2.55
C TYR A 98 -14.55 -39.41 -3.88
N GLN A 99 -15.21 -38.43 -4.48
CA GLN A 99 -15.90 -38.68 -5.74
C GLN A 99 -14.96 -39.10 -6.86
N VAL A 100 -13.78 -38.49 -6.94
CA VAL A 100 -12.84 -38.90 -7.96
C VAL A 100 -12.46 -40.37 -7.81
N VAL A 101 -12.07 -40.76 -6.61
CA VAL A 101 -11.63 -42.13 -6.38
C VAL A 101 -12.80 -43.12 -6.38
N CYS A 102 -13.85 -42.78 -5.66
CA CYS A 102 -14.97 -43.69 -5.41
C CYS A 102 -16.13 -43.64 -6.42
N LYS A 103 -16.31 -42.50 -7.09
CA LYS A 103 -17.47 -42.30 -7.96
C LYS A 103 -17.09 -41.92 -9.40
N GLY A 104 -15.81 -42.06 -9.73
CA GLY A 104 -15.36 -41.82 -11.08
C GLY A 104 -15.33 -40.39 -11.59
N GLU A 105 -15.45 -39.41 -10.71
CA GLU A 105 -15.38 -38.02 -11.15
C GLU A 105 -13.97 -37.55 -11.48
N SER A 106 -13.89 -36.32 -12.01
CA SER A 106 -12.62 -35.72 -12.38
C SER A 106 -12.22 -34.70 -11.32
N HIS A 107 -10.92 -34.60 -11.04
CA HIS A 107 -10.42 -33.49 -10.25
C HIS A 107 -10.84 -32.20 -10.92
N TRP A 108 -11.08 -31.15 -10.13
CA TRP A 108 -11.47 -29.86 -10.69
C TRP A 108 -10.44 -29.32 -11.70
N VAL A 109 -9.16 -29.54 -11.41
CA VAL A 109 -8.09 -28.98 -12.23
C VAL A 109 -8.06 -29.60 -13.63
N ASP A 110 -8.61 -30.81 -13.75
CA ASP A 110 -8.62 -31.51 -15.02
C ASP A 110 -9.76 -31.09 -15.93
N ASP A 111 -10.73 -30.37 -15.37
CA ASP A 111 -11.84 -29.82 -16.15
C ASP A 111 -11.48 -28.55 -16.90
N ASP A 112 -12.01 -28.43 -18.10
CA ASP A 112 -11.86 -27.22 -18.88
C ASP A 112 -12.40 -26.00 -18.16
N CYS A 113 -11.72 -24.89 -18.38
CA CYS A 113 -12.20 -23.61 -17.86
CA CYS A 113 -12.18 -23.60 -17.88
C CYS A 113 -13.44 -23.18 -18.62
N GLU A 114 -14.48 -22.82 -17.88
CA GLU A 114 -15.68 -22.29 -18.49
C GLU A 114 -16.03 -21.01 -17.78
N GLU A 115 -16.36 -19.98 -18.54
CA GLU A 115 -16.76 -18.72 -17.93
C GLU A 115 -17.96 -18.93 -17.00
N ILE A 116 -17.91 -18.29 -15.83
CA ILE A 116 -19.04 -18.33 -14.90
C ILE A 116 -19.72 -16.97 -14.94
N ARG A 117 -20.81 -16.89 -15.70
CA ARG A 117 -21.45 -15.62 -15.96
C ARG A 117 -22.36 -15.17 -14.80
N VAL A 118 -22.89 -16.12 -14.05
CA VAL A 118 -23.65 -15.80 -12.84
C VAL A 118 -23.42 -16.92 -11.86
N PRO A 119 -23.61 -16.66 -10.56
CA PRO A 119 -23.34 -17.74 -9.60
C PRO A 119 -24.31 -18.90 -9.82
N GLU A 120 -23.78 -20.11 -9.81
CA GLU A 120 -24.61 -21.30 -9.87
C GLU A 120 -24.51 -21.96 -8.52
N CYS A 121 -25.43 -21.59 -7.64
CA CYS A 121 -25.37 -21.97 -6.24
C CYS A 121 -26.55 -22.89 -5.89
N PRO A 122 -26.33 -23.80 -4.92
CA PRO A 122 -27.36 -24.77 -4.54
C PRO A 122 -28.54 -24.07 -3.90
N ALA A 123 -29.60 -24.83 -3.69
CA ALA A 123 -30.77 -24.29 -3.02
C ALA A 123 -30.38 -23.75 -1.65
N GLY A 124 -30.80 -22.53 -1.35
CA GLY A 124 -30.56 -21.96 -0.03
C GLY A 124 -29.42 -20.96 0.04
N PHE A 125 -28.59 -20.92 -1.00
CA PHE A 125 -27.55 -19.91 -1.08
C PHE A 125 -28.08 -18.62 -1.68
N VAL A 126 -27.99 -17.53 -0.91
CA VAL A 126 -28.56 -16.28 -1.35
C VAL A 126 -27.51 -15.39 -2.01
N ARG A 127 -26.25 -15.64 -1.69
CA ARG A 127 -25.16 -14.87 -2.30
C ARG A 127 -23.96 -15.78 -2.42
N PRO A 128 -23.05 -15.48 -3.35
CA PRO A 128 -21.87 -16.34 -3.47
C PRO A 128 -20.96 -16.14 -2.24
N PRO A 129 -20.60 -17.23 -1.57
CA PRO A 129 -19.64 -17.12 -0.45
C PRO A 129 -18.30 -16.59 -0.96
N LEU A 130 -17.52 -15.99 -0.07
CA LEU A 130 -16.18 -15.52 -0.41
C LEU A 130 -15.20 -16.35 0.39
N ILE A 131 -14.18 -16.90 -0.26
CA ILE A 131 -13.12 -17.64 0.44
C ILE A 131 -11.81 -16.94 0.15
N ILE A 132 -11.14 -16.49 1.19
CA ILE A 132 -9.83 -15.85 1.04
C ILE A 132 -8.77 -16.88 1.36
N PHE A 133 -7.92 -17.18 0.37
CA PHE A 133 -6.89 -18.20 0.50
C PHE A 133 -5.56 -17.46 0.54
N SER A 134 -5.02 -17.24 1.73
CA SER A 134 -3.80 -16.42 1.84
C SER A 134 -2.58 -17.32 1.98
N VAL A 135 -1.49 -16.94 1.30
CA VAL A 135 -0.28 -17.71 1.35
C VAL A 135 0.86 -16.78 1.80
N ASP A 136 1.68 -17.26 2.70
CA ASP A 136 2.70 -16.38 3.29
C ASP A 136 3.96 -16.41 2.42
N GLY A 137 4.51 -15.23 2.13
CA GLY A 137 5.79 -15.14 1.43
C GLY A 137 5.74 -15.61 -0.02
N PHE A 138 4.56 -15.58 -0.62
CA PHE A 138 4.40 -15.98 -2.02
C PHE A 138 4.81 -14.84 -2.95
N ARG A 139 6.06 -14.90 -3.39
CA ARG A 139 6.58 -13.93 -4.34
C ARG A 139 5.83 -13.97 -5.67
N ALA A 140 5.56 -12.79 -6.23
CA ALA A 140 4.76 -12.69 -7.44
C ALA A 140 5.37 -13.53 -8.55
N SER A 141 6.69 -13.52 -8.63
CA SER A 141 7.37 -14.21 -9.71
C SER A 141 7.26 -15.74 -9.59
N TYR A 142 6.87 -16.26 -8.42
CA TYR A 142 6.70 -17.72 -8.32
C TYR A 142 5.64 -18.20 -9.29
N MET A 143 4.73 -17.31 -9.66
CA MET A 143 3.62 -17.68 -10.52
C MET A 143 4.10 -18.13 -11.89
N LYS A 144 5.27 -17.64 -12.27
CA LYS A 144 5.86 -18.01 -13.54
C LYS A 144 6.15 -19.49 -13.63
N LYS A 145 6.13 -20.17 -12.51
CA LYS A 145 6.44 -21.59 -12.51
C LYS A 145 5.29 -22.34 -13.21
N GLY A 146 4.10 -21.77 -13.11
CA GLY A 146 2.99 -22.22 -13.93
C GLY A 146 2.48 -23.60 -13.59
N SER A 147 1.76 -24.19 -14.54
CA SER A 147 1.07 -25.44 -14.30
C SER A 147 2.01 -26.63 -14.11
N LYS A 148 3.26 -26.47 -14.53
CA LYS A 148 4.21 -27.55 -14.31
C LYS A 148 4.38 -27.78 -12.83
N VAL A 149 4.23 -26.72 -12.06
CA VAL A 149 4.42 -26.85 -10.63
C VAL A 149 3.10 -26.67 -9.87
N MET A 150 2.26 -25.77 -10.36
CA MET A 150 1.05 -25.38 -9.63
C MET A 150 -0.17 -25.39 -10.54
N PRO A 151 -0.57 -26.59 -10.98
CA PRO A 151 -1.66 -26.64 -11.95
C PRO A 151 -2.99 -26.05 -11.44
N ASN A 152 -3.37 -26.32 -10.19
CA ASN A 152 -4.61 -25.72 -9.67
C ASN A 152 -4.54 -24.20 -9.61
N ILE A 153 -3.46 -23.69 -9.04
CA ILE A 153 -3.28 -22.25 -9.00
C ILE A 153 -3.22 -21.63 -10.39
N GLU A 154 -2.53 -22.28 -11.31
CA GLU A 154 -2.47 -21.76 -12.67
C GLU A 154 -3.84 -21.69 -13.32
N LYS A 155 -4.71 -22.65 -13.00
CA LYS A 155 -6.08 -22.58 -13.53
C LYS A 155 -6.85 -21.40 -12.96
N LEU A 156 -6.75 -21.21 -11.65
CA LEU A 156 -7.38 -20.04 -11.05
C LEU A 156 -6.90 -18.75 -11.72
N ARG A 157 -5.59 -18.67 -11.95
CA ARG A 157 -4.95 -17.47 -12.46
C ARG A 157 -5.32 -17.21 -13.92
N SER A 158 -5.19 -18.24 -14.75
CA SER A 158 -5.44 -18.08 -16.16
C SER A 158 -6.93 -17.90 -16.49
N CYS A 159 -7.81 -18.54 -15.71
CA CYS A 159 -9.23 -18.50 -16.03
CA CYS A 159 -9.25 -18.54 -15.99
C CYS A 159 -9.98 -17.37 -15.33
N GLY A 160 -9.43 -16.90 -14.22
CA GLY A 160 -10.03 -15.80 -13.50
C GLY A 160 -9.44 -14.45 -13.84
N THR A 161 -9.35 -13.61 -12.81
CA THR A 161 -8.78 -12.27 -12.91
C THR A 161 -7.49 -12.29 -12.10
N HIS A 162 -6.40 -11.81 -12.71
CA HIS A 162 -5.12 -11.76 -12.00
C HIS A 162 -4.41 -10.46 -12.25
N ALA A 163 -3.64 -10.01 -11.26
CA ALA A 163 -2.68 -8.93 -11.46
C ALA A 163 -1.31 -9.57 -11.64
N PRO A 164 -0.40 -8.88 -12.32
CA PRO A 164 0.96 -9.40 -12.45
C PRO A 164 1.63 -9.45 -11.08
N TYR A 165 1.20 -8.53 -10.21
CA TYR A 165 1.62 -8.56 -8.81
C TYR A 165 0.75 -7.62 -8.00
N MET A 166 0.81 -7.78 -6.68
CA MET A 166 0.13 -6.89 -5.76
C MET A 166 1.17 -6.31 -4.81
N ARG A 167 1.10 -5.00 -4.58
CA ARG A 167 2.08 -4.32 -3.73
C ARG A 167 1.66 -4.43 -2.27
N PRO A 168 2.55 -4.93 -1.41
CA PRO A 168 2.29 -5.03 0.03
C PRO A 168 2.47 -3.66 0.67
N VAL A 169 2.24 -3.55 2.00
CA VAL A 169 2.62 -2.32 2.69
C VAL A 169 3.96 -2.51 3.38
N TYR A 170 4.59 -1.39 3.71
CA TYR A 170 5.85 -1.39 4.46
C TYR A 170 5.53 -1.34 5.96
N PRO A 171 6.28 -2.09 6.78
CA PRO A 171 7.34 -3.02 6.38
C PRO A 171 6.76 -4.30 5.78
N THR A 172 7.47 -4.88 4.83
CA THR A 172 6.94 -6.01 4.09
C THR A 172 7.11 -7.32 4.88
N LYS A 173 6.49 -7.33 6.07
CA LYS A 173 6.44 -8.48 6.94
C LYS A 173 5.00 -8.95 7.16
N THR A 174 4.86 -10.09 7.81
CA THR A 174 3.56 -10.78 7.87
C THR A 174 2.45 -10.04 8.62
N PHE A 175 2.69 -9.75 9.89
CA PHE A 175 1.60 -9.12 10.65
C PHE A 175 1.07 -7.79 10.09
N PRO A 176 1.96 -6.83 9.76
CA PRO A 176 1.47 -5.57 9.18
C PRO A 176 0.66 -5.82 7.92
N ASN A 177 1.11 -6.76 7.09
CA ASN A 177 0.39 -7.01 5.85
C ASN A 177 -0.91 -7.77 5.95
N LEU A 178 -0.94 -8.82 6.77
CA LEU A 178 -2.21 -9.52 6.95
C LEU A 178 -3.25 -8.57 7.54
N TYR A 179 -2.88 -7.77 8.53
CA TYR A 179 -3.88 -6.90 9.13
C TYR A 179 -4.27 -5.76 8.18
N THR A 180 -3.36 -5.31 7.33
CA THR A 180 -3.73 -4.37 6.27
C THR A 180 -4.75 -5.00 5.31
N LEU A 181 -4.51 -6.24 4.90
CA LEU A 181 -5.50 -6.95 4.05
C LEU A 181 -6.87 -6.93 4.71
N ALA A 182 -6.89 -7.18 6.01
CA ALA A 182 -8.16 -7.28 6.74
C ALA A 182 -8.86 -5.95 6.98
N THR A 183 -8.14 -4.83 6.91
CA THR A 183 -8.68 -3.55 7.35
C THR A 183 -8.72 -2.44 6.30
N GLY A 184 -7.95 -2.61 5.23
CA GLY A 184 -7.73 -1.54 4.29
C GLY A 184 -6.93 -0.36 4.81
N LEU A 185 -6.24 -0.55 5.93
CA LEU A 185 -5.52 0.56 6.56
C LEU A 185 -4.01 0.43 6.44
N TYR A 186 -3.32 1.56 6.36
CA TYR A 186 -1.87 1.56 6.56
C TYR A 186 -1.55 1.10 7.98
N PRO A 187 -0.41 0.41 8.14
CA PRO A 187 0.02 0.03 9.49
C PRO A 187 0.00 1.19 10.51
N GLU A 188 0.38 2.40 10.09
CA GLU A 188 0.46 3.53 11.02
C GLU A 188 -0.91 3.84 11.59
N SER A 189 -1.95 3.43 10.85
CA SER A 189 -3.33 3.65 11.26
C SER A 189 -3.93 2.46 12.01
N HIS A 190 -3.73 1.24 11.51
CA HIS A 190 -4.24 0.07 12.22
C HIS A 190 -3.43 -0.33 13.46
N GLY A 191 -2.20 0.14 13.52
CA GLY A 191 -1.35 -0.05 14.70
C GLY A 191 -0.37 -1.22 14.73
N ILE A 192 -0.49 -2.16 13.80
CA ILE A 192 0.40 -3.31 13.78
C ILE A 192 1.55 -2.91 12.86
N VAL A 193 2.46 -2.11 13.42
CA VAL A 193 3.48 -1.45 12.59
C VAL A 193 4.68 -2.36 12.40
N GLY A 194 4.68 -3.48 13.10
CA GLY A 194 5.69 -4.50 12.87
C GLY A 194 5.28 -5.85 13.44
N ASN A 195 6.00 -6.91 13.07
CA ASN A 195 5.87 -8.22 13.76
C ASN A 195 6.24 -8.09 15.23
N SER A 196 7.17 -7.17 15.49
CA SER A 196 7.53 -6.82 16.87
C SER A 196 7.40 -5.32 17.02
N MET A 197 6.90 -4.87 18.17
CA MET A 197 6.83 -3.45 18.43
C MET A 197 6.81 -3.14 19.93
N TYR A 198 7.31 -1.97 20.27
CA TYR A 198 7.20 -1.49 21.63
C TYR A 198 6.23 -0.32 21.68
N ASP A 199 5.25 -0.37 22.59
CA ASP A 199 4.38 0.79 22.75
C ASP A 199 4.76 1.54 24.02
N PRO A 200 5.26 2.77 23.88
CA PRO A 200 5.80 3.50 25.04
C PRO A 200 4.73 3.87 26.08
N VAL A 201 3.46 3.98 25.65
CA VAL A 201 2.37 4.29 26.57
C VAL A 201 1.91 3.05 27.36
N PHE A 202 1.83 1.89 26.70
CA PHE A 202 1.56 0.64 27.39
C PHE A 202 2.79 0.23 28.20
N ASP A 203 3.96 0.72 27.80
CA ASP A 203 5.24 0.16 28.23
C ASP A 203 5.19 -1.36 28.11
N ALA A 204 4.86 -1.85 26.92
CA ALA A 204 4.75 -3.27 26.72
C ALA A 204 5.22 -3.58 25.32
N THR A 205 5.59 -4.84 25.11
CA THR A 205 6.16 -5.25 23.85
C THR A 205 5.35 -6.38 23.22
N PHE A 206 5.09 -6.23 21.93
CA PHE A 206 4.27 -7.14 21.12
C PHE A 206 5.22 -7.95 20.27
N HIS A 207 5.04 -9.28 20.26
CA HIS A 207 5.82 -10.18 19.41
C HIS A 207 4.92 -11.14 18.65
N LEU A 208 5.34 -11.53 17.46
CA LEU A 208 4.53 -12.43 16.65
C LEU A 208 4.29 -13.74 17.40
N ARG A 209 5.28 -14.16 18.17
CA ARG A 209 5.15 -15.34 19.02
C ARG A 209 4.96 -14.91 20.48
N GLY A 210 4.09 -15.61 21.20
CA GLY A 210 3.81 -15.24 22.58
C GLY A 210 2.38 -14.73 22.77
N ARG A 211 2.03 -14.37 24.00
CA ARG A 211 0.63 -14.07 24.33
C ARG A 211 0.21 -12.58 24.27
N GLU A 212 1.16 -11.66 24.38
CA GLU A 212 0.80 -10.23 24.38
C GLU A 212 -0.04 -9.81 23.17
N LYS A 213 0.21 -10.45 22.02
CA LYS A 213 -0.49 -10.11 20.78
C LYS A 213 -1.98 -10.40 20.87
N PHE A 214 -2.36 -11.33 21.75
CA PHE A 214 -3.78 -11.65 21.97
C PHE A 214 -4.56 -10.54 22.65
N ASN A 215 -3.87 -9.60 23.30
CA ASN A 215 -4.55 -8.44 23.87
C ASN A 215 -5.11 -7.49 22.79
N HIS A 216 -6.39 -7.15 22.90
CA HIS A 216 -7.06 -6.36 21.87
C HIS A 216 -6.57 -4.92 21.76
N ARG A 217 -5.89 -4.42 22.79
CA ARG A 217 -5.49 -3.03 22.79
C ARG A 217 -4.55 -2.71 21.62
N TRP A 218 -3.90 -3.72 21.07
CA TRP A 218 -2.93 -3.46 19.98
C TRP A 218 -3.58 -3.19 18.64
N TRP A 219 -4.78 -3.74 18.45
CA TRP A 219 -5.38 -3.90 17.12
C TRP A 219 -6.43 -2.84 16.82
N GLY A 220 -6.12 -1.89 15.93
CA GLY A 220 -7.04 -0.82 15.58
C GLY A 220 -7.82 -1.07 14.30
N GLY A 221 -8.55 -0.05 13.86
CA GLY A 221 -9.36 -0.14 12.66
C GLY A 221 -10.50 -1.12 12.87
N GLN A 222 -11.05 -1.61 11.78
CA GLN A 222 -12.15 -2.56 11.85
C GLN A 222 -11.95 -3.64 10.79
N PRO A 223 -11.46 -4.80 11.22
CA PRO A 223 -11.15 -5.88 10.28
C PRO A 223 -12.41 -6.46 9.67
N LEU A 224 -12.27 -7.07 8.49
CA LEU A 224 -13.40 -7.57 7.74
C LEU A 224 -14.38 -8.46 8.53
N TRP A 225 -13.87 -9.33 9.39
CA TRP A 225 -14.77 -10.22 10.14
C TRP A 225 -15.73 -9.45 11.07
N ILE A 226 -15.23 -8.36 11.62
CA ILE A 226 -16.05 -7.50 12.46
C ILE A 226 -17.02 -6.69 11.60
N THR A 227 -16.53 -6.14 10.49
CA THR A 227 -17.41 -5.44 9.59
C THR A 227 -18.56 -6.35 9.14
N ALA A 228 -18.24 -7.59 8.79
CA ALA A 228 -19.25 -8.55 8.37
C ALA A 228 -20.23 -8.76 9.51
N THR A 229 -19.69 -9.12 10.68
CA THR A 229 -20.53 -9.44 11.83
C THR A 229 -21.46 -8.29 12.20
N LYS A 230 -20.94 -7.06 12.24
CA LYS A 230 -21.74 -5.91 12.60
C LYS A 230 -22.88 -5.67 11.63
N GLN A 231 -22.68 -6.05 10.37
CA GLN A 231 -23.70 -5.88 9.34
C GLN A 231 -24.51 -7.15 9.06
N GLY A 232 -24.51 -8.08 10.02
CA GLY A 232 -25.35 -9.26 9.91
C GLY A 232 -24.90 -10.28 8.89
N VAL A 233 -23.61 -10.27 8.55
CA VAL A 233 -23.06 -11.28 7.65
C VAL A 233 -22.10 -12.16 8.43
N ARG A 234 -22.32 -13.46 8.37
CA ARG A 234 -21.56 -14.32 9.25
C ARG A 234 -20.19 -14.72 8.69
N ALA A 235 -19.17 -14.71 9.54
CA ALA A 235 -17.80 -15.06 9.11
C ALA A 235 -17.30 -16.36 9.75
N GLY A 236 -16.55 -17.15 9.00
CA GLY A 236 -15.82 -18.26 9.57
C GLY A 236 -14.61 -17.70 10.33
N THR A 237 -13.74 -18.56 10.86
CA THR A 237 -12.56 -18.08 11.58
C THR A 237 -11.56 -17.36 10.68
N PHE A 238 -10.89 -16.37 11.22
CA PHE A 238 -9.82 -15.75 10.47
C PHE A 238 -8.50 -16.00 11.19
N PHE A 239 -8.54 -16.94 12.12
CA PHE A 239 -7.34 -17.41 12.79
C PHE A 239 -7.31 -18.93 12.85
N TRP A 240 -6.15 -19.51 12.55
CA TRP A 240 -5.96 -20.95 12.69
C TRP A 240 -4.79 -21.24 13.60
N SER A 241 -5.01 -22.08 14.63
CA SER A 241 -3.92 -22.52 15.50
C SER A 241 -2.83 -23.18 14.66
N VAL A 242 -1.58 -22.91 15.01
CA VAL A 242 -0.47 -23.52 14.28
C VAL A 242 -0.50 -25.04 14.34
N SER A 243 -1.09 -25.60 15.39
CA SER A 243 -1.08 -27.06 15.52
C SER A 243 -2.06 -27.77 14.57
N ILE A 244 -2.87 -27.01 13.86
CA ILE A 244 -3.90 -27.62 13.00
C ILE A 244 -3.42 -27.75 11.56
N PRO A 245 -3.36 -28.99 11.06
CA PRO A 245 -2.86 -29.23 9.71
C PRO A 245 -3.72 -28.56 8.63
N HIS A 246 -3.08 -28.22 7.52
CA HIS A 246 -3.79 -27.57 6.41
C HIS A 246 -4.98 -28.37 5.91
N GLU A 247 -4.82 -29.68 5.85
CA GLU A 247 -5.92 -30.56 5.41
C GLU A 247 -7.14 -30.42 6.31
N ARG A 248 -6.91 -30.27 7.62
CA ARG A 248 -8.01 -30.10 8.57
C ARG A 248 -8.64 -28.71 8.43
N ARG A 249 -7.82 -27.71 8.12
CA ARG A 249 -8.37 -26.38 7.85
C ARG A 249 -9.32 -26.41 6.67
N ILE A 250 -8.90 -27.06 5.59
CA ILE A 250 -9.75 -27.17 4.41
C ILE A 250 -11.03 -27.98 4.71
N LEU A 251 -10.89 -29.11 5.37
CA LEU A 251 -12.08 -29.92 5.72
C LEU A 251 -13.06 -29.13 6.59
N THR A 252 -12.53 -28.31 7.48
CA THR A 252 -13.35 -27.51 8.38
C THR A 252 -14.12 -26.50 7.56
N ILE A 253 -13.46 -25.83 6.61
CA ILE A 253 -14.14 -24.85 5.79
C ILE A 253 -15.27 -25.52 5.01
N LEU A 254 -14.98 -26.68 4.46
CA LEU A 254 -15.95 -27.40 3.65
C LEU A 254 -17.13 -27.87 4.50
N GLN A 255 -16.84 -28.29 5.72
CA GLN A 255 -17.90 -28.66 6.67
C GLN A 255 -18.77 -27.46 7.00
N TRP A 256 -18.16 -26.30 7.27
CA TRP A 256 -18.95 -25.09 7.50
C TRP A 256 -19.87 -24.76 6.31
N LEU A 257 -19.38 -24.96 5.09
CA LEU A 257 -20.16 -24.65 3.90
C LEU A 257 -21.32 -25.62 3.73
N SER A 258 -21.24 -26.76 4.41
CA SER A 258 -22.32 -27.76 4.37
C SER A 258 -23.36 -27.54 5.46
N LEU A 259 -23.17 -26.52 6.28
CA LEU A 259 -24.08 -26.25 7.39
C LEU A 259 -25.46 -25.80 6.92
N PRO A 260 -26.47 -25.95 7.80
CA PRO A 260 -27.82 -25.44 7.56
C PRO A 260 -27.78 -23.98 7.15
N ASP A 261 -28.71 -23.61 6.28
CA ASP A 261 -28.82 -22.25 5.79
C ASP A 261 -28.71 -21.23 6.90
N ASN A 262 -29.26 -21.55 8.06
CA ASN A 262 -29.30 -20.58 9.16
C ASN A 262 -28.02 -20.57 10.00
N GLU A 263 -27.06 -21.43 9.67
CA GLU A 263 -25.78 -21.43 10.39
C GLU A 263 -24.59 -21.05 9.50
N ARG A 264 -24.75 -21.24 8.19
CA ARG A 264 -23.61 -21.21 7.26
C ARG A 264 -22.95 -19.82 7.12
N PRO A 265 -21.62 -19.73 7.30
CA PRO A 265 -20.99 -18.42 7.06
C PRO A 265 -20.97 -18.00 5.60
N SER A 266 -20.80 -16.69 5.36
CA SER A 266 -20.67 -16.17 4.01
C SER A 266 -19.22 -15.90 3.60
N VAL A 267 -18.35 -15.70 4.59
CA VAL A 267 -16.94 -15.41 4.28
C VAL A 267 -16.02 -16.32 5.09
N TYR A 268 -14.95 -16.80 4.44
CA TYR A 268 -14.07 -17.83 4.98
C TYR A 268 -12.65 -17.39 4.71
N ALA A 269 -11.72 -17.83 5.56
CA ALA A 269 -10.31 -17.53 5.35
C ALA A 269 -9.49 -18.78 5.58
N PHE A 270 -8.52 -19.00 4.69
CA PHE A 270 -7.55 -20.04 4.89
C PHE A 270 -6.21 -19.35 4.91
N TYR A 271 -5.29 -19.88 5.71
CA TYR A 271 -3.93 -19.33 5.76
C TYR A 271 -2.92 -20.44 5.70
N SER A 272 -1.87 -20.25 4.90
CA SER A 272 -0.70 -21.14 4.89
C SER A 272 0.57 -20.39 5.20
N GLU A 273 1.39 -20.96 6.06
CA GLU A 273 2.66 -20.34 6.45
C GLU A 273 3.73 -20.60 5.39
N GLN A 274 3.39 -21.41 4.40
CA GLN A 274 4.26 -21.61 3.24
C GLN A 274 3.75 -20.76 2.07
N PRO A 275 4.63 -20.40 1.12
CA PRO A 275 6.03 -20.83 0.99
C PRO A 275 7.04 -19.99 1.77
N ASP A 276 6.60 -19.20 2.73
CA ASP A 276 7.49 -18.34 3.50
C ASP A 276 8.58 -19.10 4.24
N PHE A 277 8.18 -20.14 4.96
CA PHE A 277 9.14 -20.91 5.72
C PHE A 277 10.26 -21.42 4.83
N SER A 278 9.91 -22.07 3.72
CA SER A 278 10.94 -22.61 2.84
C SER A 278 11.74 -21.52 2.13
N GLY A 279 11.10 -20.39 1.84
CA GLY A 279 11.83 -19.24 1.31
C GLY A 279 12.92 -18.75 2.25
N HIS A 280 12.64 -18.66 3.54
CA HIS A 280 13.68 -18.29 4.51
C HIS A 280 14.85 -19.27 4.52
N LYS A 281 14.54 -20.55 4.50
CA LYS A 281 15.57 -21.58 4.57
C LYS A 281 16.42 -21.68 3.30
N TYR A 282 15.80 -21.61 2.14
CA TYR A 282 16.50 -21.88 0.87
C TYR A 282 16.70 -20.68 -0.05
N GLY A 283 16.05 -19.57 0.24
CA GLY A 283 16.05 -18.43 -0.66
C GLY A 283 15.01 -18.63 -1.73
N PRO A 284 14.61 -17.56 -2.44
CA PRO A 284 13.47 -17.62 -3.36
C PRO A 284 13.76 -18.38 -4.66
N PHE A 285 15.03 -18.44 -5.06
CA PHE A 285 15.38 -19.08 -6.34
C PHE A 285 15.91 -20.48 -6.17
N GLY A 286 15.83 -21.00 -4.94
CA GLY A 286 16.30 -22.33 -4.62
C GLY A 286 15.50 -23.42 -5.30
N PRO A 287 16.18 -24.51 -5.69
CA PRO A 287 15.43 -25.63 -6.27
C PRO A 287 14.53 -26.23 -5.22
N GLU A 288 14.86 -25.99 -3.95
CA GLU A 288 14.11 -26.59 -2.87
C GLU A 288 12.72 -25.95 -2.73
N MET A 289 12.46 -24.91 -3.50
CA MET A 289 11.18 -24.20 -3.42
C MET A 289 10.07 -24.90 -4.20
N THR A 290 10.45 -25.79 -5.10
CA THR A 290 9.44 -26.50 -5.88
C THR A 290 8.49 -27.30 -4.99
N ASN A 291 9.03 -28.05 -4.04
CA ASN A 291 8.17 -28.89 -3.21
C ASN A 291 7.08 -28.13 -2.45
N PRO A 292 7.47 -27.04 -1.76
CA PRO A 292 6.46 -26.28 -1.00
C PRO A 292 5.38 -25.75 -1.89
N LEU A 293 5.77 -25.27 -3.06
CA LEU A 293 4.84 -24.74 -4.02
C LEU A 293 3.91 -25.84 -4.53
N ARG A 294 4.44 -27.04 -4.73
CA ARG A 294 3.56 -28.15 -5.11
C ARG A 294 2.56 -28.44 -4.01
N GLU A 295 3.03 -28.41 -2.77
CA GLU A 295 2.18 -28.70 -1.60
C GLU A 295 1.02 -27.72 -1.48
N ILE A 296 1.32 -26.43 -1.62
CA ILE A 296 0.25 -25.42 -1.61
C ILE A 296 -0.76 -25.66 -2.71
N ASP A 297 -0.26 -25.98 -3.90
CA ASP A 297 -1.17 -26.28 -5.00
C ASP A 297 -2.06 -27.46 -4.69
N LYS A 298 -1.51 -28.49 -4.06
CA LYS A 298 -2.31 -29.65 -3.68
C LYS A 298 -3.43 -29.25 -2.74
N THR A 299 -3.12 -28.34 -1.81
CA THR A 299 -4.12 -27.83 -0.90
C THR A 299 -5.21 -27.04 -1.64
N VAL A 300 -4.80 -26.18 -2.57
CA VAL A 300 -5.79 -25.48 -3.37
C VAL A 300 -6.65 -26.53 -4.10
N GLY A 301 -6.03 -27.62 -4.52
CA GLY A 301 -6.74 -28.67 -5.23
C GLY A 301 -7.77 -29.35 -4.36
N GLN A 302 -7.39 -29.62 -3.12
CA GLN A 302 -8.31 -30.20 -2.15
C GLN A 302 -9.52 -29.29 -1.98
N LEU A 303 -9.26 -27.99 -1.82
CA LEU A 303 -10.36 -27.03 -1.69
C LEU A 303 -11.27 -27.06 -2.91
N MET A 304 -10.68 -27.00 -4.11
CA MET A 304 -11.51 -26.93 -5.31
C MET A 304 -12.27 -28.24 -5.56
N ASP A 305 -11.62 -29.37 -5.34
CA ASP A 305 -12.28 -30.69 -5.42
C ASP A 305 -13.42 -30.77 -4.42
N GLY A 306 -13.16 -30.30 -3.21
CA GLY A 306 -14.17 -30.31 -2.17
C GLY A 306 -15.35 -29.44 -2.54
N LEU A 307 -15.08 -28.29 -3.15
CA LEU A 307 -16.15 -27.38 -3.56
C LEU A 307 -16.99 -28.01 -4.68
N LYS A 308 -16.30 -28.67 -5.61
CA LYS A 308 -16.97 -29.39 -6.68
C LYS A 308 -17.87 -30.48 -6.09
N GLN A 309 -17.38 -31.22 -5.10
CA GLN A 309 -18.22 -32.22 -4.43
C GLN A 309 -19.49 -31.60 -3.86
N LEU A 310 -19.39 -30.35 -3.43
CA LEU A 310 -20.52 -29.66 -2.82
C LEU A 310 -21.36 -28.91 -3.84
N LYS A 311 -20.99 -29.03 -5.11
CA LYS A 311 -21.68 -28.31 -6.18
C LYS A 311 -21.56 -26.79 -6.01
N LEU A 312 -20.40 -26.36 -5.52
CA LEU A 312 -20.15 -24.96 -5.17
C LEU A 312 -19.04 -24.33 -6.02
N HIS A 313 -18.43 -25.12 -6.90
CA HIS A 313 -17.25 -24.64 -7.62
C HIS A 313 -17.57 -23.55 -8.64
N ARG A 314 -18.85 -23.32 -8.87
CA ARG A 314 -19.26 -22.25 -9.77
C ARG A 314 -20.17 -21.29 -9.04
N CYS A 315 -20.02 -21.31 -7.72
CA CYS A 315 -20.84 -20.53 -6.82
C CYS A 315 -19.97 -19.57 -6.00
N VAL A 316 -18.83 -20.06 -5.53
CA VAL A 316 -18.00 -19.31 -4.59
C VAL A 316 -17.03 -18.35 -5.31
N ASN A 317 -16.75 -17.22 -4.68
CA ASN A 317 -15.66 -16.38 -5.13
C ASN A 317 -14.44 -16.70 -4.30
N VAL A 318 -13.33 -16.97 -4.99
CA VAL A 318 -12.07 -17.34 -4.32
C VAL A 318 -11.03 -16.26 -4.58
N ILE A 319 -10.40 -15.79 -3.51
CA ILE A 319 -9.27 -14.87 -3.65
C ILE A 319 -8.00 -15.59 -3.20
N PHE A 320 -6.99 -15.60 -4.07
CA PHE A 320 -5.71 -16.21 -3.76
C PHE A 320 -4.74 -15.05 -3.62
N VAL A 321 -4.19 -14.87 -2.42
CA VAL A 321 -3.50 -13.61 -2.16
C VAL A 321 -2.32 -13.84 -1.21
N GLY A 322 -1.21 -13.15 -1.46
CA GLY A 322 -0.07 -13.29 -0.56
C GLY A 322 0.06 -12.05 0.32
N ASP A 323 0.90 -12.14 1.34
CA ASP A 323 1.17 -11.01 2.22
C ASP A 323 2.41 -10.19 1.83
N HIS A 324 3.39 -10.88 1.23
CA HIS A 324 4.62 -10.23 0.74
C HIS A 324 5.44 -11.26 -0.03
N GLY A 325 6.53 -10.79 -0.63
CA GLY A 325 7.46 -11.64 -1.35
C GLY A 325 8.64 -12.13 -0.54
N MET A 326 9.77 -12.36 -1.21
CA MET A 326 10.90 -12.99 -0.56
C MET A 326 12.12 -12.65 -1.37
N GLU A 327 13.22 -12.33 -0.67
CA GLU A 327 14.45 -11.89 -1.33
C GLU A 327 15.59 -12.79 -0.91
N ASP A 328 16.65 -12.82 -1.72
CA ASP A 328 17.89 -13.48 -1.36
C ASP A 328 18.63 -12.64 -0.33
N VAL A 329 18.76 -13.18 0.88
CA VAL A 329 19.44 -12.51 1.98
C VAL A 329 20.22 -13.60 2.72
N THR A 330 21.54 -13.44 2.84
CA THR A 330 22.35 -14.43 3.56
C THR A 330 23.18 -13.80 4.68
N CYS A 331 23.79 -14.64 5.51
CA CYS A 331 24.59 -14.16 6.64
C CYS A 331 25.74 -13.29 6.17
N ASP A 332 26.26 -13.56 4.98
CA ASP A 332 27.41 -12.80 4.47
C ASP A 332 27.10 -11.35 4.12
N ARG A 333 25.81 -11.00 4.07
CA ARG A 333 25.44 -9.63 3.75
C ARG A 333 24.74 -8.96 4.94
N THR A 334 25.50 -8.74 6.01
CA THR A 334 24.98 -8.09 7.20
C THR A 334 25.83 -6.88 7.57
N GLU A 335 25.22 -5.71 7.64
CA GLU A 335 25.87 -4.53 8.23
C GLU A 335 25.73 -4.57 9.76
N PHE A 336 26.75 -4.12 10.48
CA PHE A 336 26.67 -4.06 11.92
C PHE A 336 26.78 -2.61 12.38
N LEU A 337 25.88 -2.19 13.25
CA LEU A 337 25.89 -0.83 13.78
C LEU A 337 27.16 -0.57 14.60
N SER A 338 27.69 -1.62 15.21
CA SER A 338 28.91 -1.49 16.01
C SER A 338 30.10 -0.99 15.16
N ASN A 339 30.00 -1.15 13.85
CA ASN A 339 31.01 -0.56 12.97
C ASN A 339 30.89 0.95 12.79
N TYR A 340 29.78 1.52 13.25
CA TYR A 340 29.49 2.93 13.00
C TYR A 340 29.37 3.68 14.32
N LEU A 341 28.99 2.96 15.37
CA LEU A 341 28.68 3.57 16.66
C LEU A 341 29.53 2.95 17.76
N THR A 342 29.86 3.76 18.78
CA THR A 342 30.79 3.35 19.80
C THR A 342 30.22 2.43 20.88
N ASN A 343 28.98 2.68 21.30
CA ASN A 343 28.34 1.85 22.33
C ASN A 343 26.94 1.34 21.97
N VAL A 344 26.88 0.28 21.17
CA VAL A 344 25.61 -0.26 20.70
C VAL A 344 24.87 -1.06 21.77
N ASP A 345 25.53 -1.37 22.88
CA ASP A 345 24.85 -2.09 23.95
C ASP A 345 23.84 -1.22 24.68
N ASP A 346 23.87 0.07 24.39
CA ASP A 346 22.93 1.01 25.00
C ASP A 346 21.69 1.28 24.13
N ILE A 347 21.62 0.62 22.99
CA ILE A 347 20.43 0.74 22.12
C ILE A 347 19.76 -0.59 21.88
N THR A 348 18.46 -0.50 21.60
CA THR A 348 17.70 -1.64 21.17
C THR A 348 17.43 -1.41 19.70
N LEU A 349 17.72 -2.42 18.88
CA LEU A 349 17.46 -2.36 17.46
C LEU A 349 16.45 -3.42 17.06
N VAL A 350 15.35 -3.02 16.44
CA VAL A 350 14.54 -3.95 15.66
C VAL A 350 15.30 -4.15 14.36
N PRO A 351 15.82 -5.37 14.14
CA PRO A 351 16.83 -5.54 13.11
C PRO A 351 16.34 -6.27 11.88
N GLY A 352 17.28 -6.51 10.98
CA GLY A 352 17.06 -7.33 9.80
C GLY A 352 16.91 -6.53 8.53
N THR A 353 15.76 -6.69 7.88
CA THR A 353 15.53 -6.06 6.59
C THR A 353 14.98 -4.64 6.75
N LEU A 354 14.95 -4.18 7.99
CA LEU A 354 14.63 -2.79 8.30
C LEU A 354 15.29 -2.56 9.64
N GLY A 355 15.41 -1.31 10.05
CA GLY A 355 15.90 -0.98 11.37
C GLY A 355 15.02 0.04 12.07
N ARG A 356 14.71 -0.19 13.35
CA ARG A 356 14.10 0.85 14.18
C ARG A 356 14.93 0.91 15.46
N ILE A 357 15.34 2.10 15.85
CA ILE A 357 16.27 2.24 16.97
C ILE A 357 15.62 3.06 18.10
N ARG A 358 15.80 2.57 19.32
CA ARG A 358 15.36 3.28 20.52
C ARG A 358 16.38 2.95 21.61
N PRO A 359 16.41 3.74 22.68
CA PRO A 359 17.36 3.36 23.73
C PRO A 359 16.97 2.07 24.42
N LYS A 360 17.96 1.33 24.86
CA LYS A 360 17.68 0.08 25.55
C LYS A 360 16.81 0.31 26.78
N ILE A 361 17.16 1.35 27.54
CA ILE A 361 16.32 1.74 28.66
C ILE A 361 15.34 2.77 28.20
N PRO A 362 14.04 2.46 28.28
CA PRO A 362 13.04 3.40 27.81
C PRO A 362 13.26 4.78 28.40
N ASN A 363 13.25 5.79 27.52
CA ASN A 363 13.41 7.17 27.95
C ASN A 363 14.76 7.43 28.60
N ASN A 364 15.78 6.69 28.16
CA ASN A 364 17.14 6.95 28.62
C ASN A 364 17.55 8.34 28.15
N LEU A 365 17.80 9.22 29.11
CA LEU A 365 18.04 10.62 28.80
C LEU A 365 19.35 10.87 28.05
N LYS A 366 20.27 9.91 28.09
CA LYS A 366 21.56 10.10 27.43
C LYS A 366 21.54 9.56 26.01
N TYR A 367 20.36 9.12 25.57
CA TYR A 367 20.15 8.77 24.18
C TYR A 367 20.43 10.02 23.32
N ASP A 368 21.30 9.90 22.31
CA ASP A 368 21.70 11.04 21.48
C ASP A 368 21.42 10.82 19.99
N PRO A 369 20.14 10.93 19.59
CA PRO A 369 19.74 10.59 18.21
C PRO A 369 20.45 11.38 17.11
N LYS A 370 20.73 12.67 17.31
CA LYS A 370 21.42 13.41 16.26
C LYS A 370 22.83 12.91 16.05
N ALA A 371 23.50 12.51 17.13
CA ALA A 371 24.85 11.99 17.04
C ALA A 371 24.84 10.62 16.36
N ILE A 372 23.83 9.82 16.68
CA ILE A 372 23.72 8.50 16.07
C ILE A 372 23.49 8.63 14.59
N ILE A 373 22.52 9.46 14.20
CA ILE A 373 22.23 9.64 12.79
C ILE A 373 23.45 10.15 12.04
N ALA A 374 24.20 11.07 12.66
CA ALA A 374 25.37 11.62 11.97
C ALA A 374 26.40 10.52 11.68
N ASN A 375 26.61 9.63 12.65
CA ASN A 375 27.54 8.50 12.48
C ASN A 375 27.06 7.44 11.51
N LEU A 376 25.76 7.47 11.15
CA LEU A 376 25.20 6.49 10.23
C LEU A 376 24.99 7.05 8.84
N THR A 377 25.35 8.32 8.63
CA THR A 377 25.05 8.98 7.38
C THR A 377 26.23 8.99 6.42
N CYS A 378 26.09 8.25 5.32
CA CYS A 378 27.08 8.24 4.25
C CYS A 378 28.50 8.05 4.76
N LYS A 379 28.69 7.02 5.59
CA LYS A 379 29.99 6.73 6.20
C LYS A 379 30.81 5.66 5.49
N LYS A 380 30.18 4.91 4.60
CA LYS A 380 30.87 3.91 3.76
C LYS A 380 30.41 4.14 2.35
N PRO A 381 31.32 3.96 1.39
CA PRO A 381 30.93 4.17 0.00
C PRO A 381 29.82 3.19 -0.42
N ASP A 382 29.87 1.97 0.09
CA ASP A 382 28.93 0.97 -0.35
C ASP A 382 27.80 0.73 0.66
N GLN A 383 27.64 1.66 1.60
CA GLN A 383 26.74 1.48 2.74
C GLN A 383 25.38 0.90 2.35
N HIS A 384 25.00 -0.20 2.99
CA HIS A 384 23.81 -0.92 2.53
C HIS A 384 22.58 -0.65 3.36
N PHE A 385 22.49 0.55 3.92
CA PHE A 385 21.26 1.03 4.54
C PHE A 385 21.34 2.55 4.60
N LYS A 386 20.21 3.21 4.87
CA LYS A 386 20.22 4.67 5.01
C LYS A 386 19.35 5.10 6.20
N PRO A 387 19.92 5.92 7.10
CA PRO A 387 19.13 6.34 8.27
C PRO A 387 18.17 7.46 7.90
N TYR A 388 16.99 7.44 8.51
CA TYR A 388 15.98 8.48 8.32
C TYR A 388 15.34 8.74 9.67
N MET A 389 15.15 10.01 10.05
CA MET A 389 14.09 10.29 11.01
C MET A 389 12.80 9.97 10.28
N LYS A 390 11.81 9.44 11.00
CA LYS A 390 10.65 8.87 10.31
C LYS A 390 9.89 9.90 9.46
N GLN A 391 9.89 11.16 9.85
CA GLN A 391 9.18 12.18 9.07
C GLN A 391 9.85 12.43 7.71
N HIS A 392 11.08 11.94 7.56
CA HIS A 392 11.79 12.12 6.30
C HIS A 392 11.69 10.90 5.39
N LEU A 393 11.13 9.80 5.89
CA LEU A 393 10.88 8.66 5.00
C LEU A 393 10.00 9.07 3.83
N PRO A 394 10.20 8.47 2.66
CA PRO A 394 9.30 8.73 1.53
C PRO A 394 7.84 8.66 1.96
N LYS A 395 7.06 9.64 1.53
CA LYS A 395 5.68 9.76 1.95
C LYS A 395 4.84 8.58 1.46
N ARG A 396 5.23 7.98 0.33
CA ARG A 396 4.52 6.82 -0.18
C ARG A 396 4.48 5.64 0.80
N LEU A 397 5.42 5.59 1.74
CA LEU A 397 5.46 4.48 2.70
C LEU A 397 4.43 4.66 3.80
N HIS A 398 3.99 5.90 4.01
CA HIS A 398 2.97 6.21 5.00
C HIS A 398 3.34 5.61 6.35
N TYR A 399 4.59 5.79 6.75
CA TYR A 399 5.08 5.06 7.91
C TYR A 399 5.66 6.00 8.98
N ALA A 400 4.82 6.81 9.60
CA ALA A 400 5.35 7.72 10.60
C ALA A 400 4.37 8.07 11.70
N ASN A 401 3.09 8.13 11.36
CA ASN A 401 2.10 8.61 12.31
C ASN A 401 1.61 7.58 13.34
N ASN A 402 2.51 7.08 14.18
CA ASN A 402 2.12 6.16 15.22
C ASN A 402 3.20 6.16 16.30
N ARG A 403 2.79 6.18 17.56
CA ARG A 403 3.77 6.21 18.66
C ARG A 403 4.64 4.94 18.74
N ARG A 404 4.22 3.86 18.08
CA ARG A 404 4.97 2.61 18.10
C ARG A 404 6.09 2.62 17.05
N ILE A 405 6.12 3.65 16.20
CA ILE A 405 7.17 3.77 15.21
C ILE A 405 8.28 4.66 15.76
N GLU A 406 9.43 4.06 16.01
CA GLU A 406 10.57 4.81 16.54
C GLU A 406 10.94 5.97 15.63
N ASP A 407 11.40 7.09 16.23
CA ASP A 407 11.81 8.25 15.44
C ASP A 407 12.90 7.88 14.44
N LEU A 408 13.87 7.08 14.88
CA LEU A 408 15.00 6.71 14.04
C LEU A 408 14.72 5.42 13.28
N HIS A 409 14.85 5.46 11.97
CA HIS A 409 14.55 4.32 11.12
C HIS A 409 15.75 4.05 10.21
N LEU A 410 16.00 2.79 9.88
CA LEU A 410 16.98 2.49 8.85
C LEU A 410 16.25 1.81 7.72
N LEU A 411 16.31 2.42 6.54
CA LEU A 411 15.83 1.79 5.32
C LEU A 411 16.97 0.95 4.75
N VAL A 412 16.77 -0.35 4.68
CA VAL A 412 17.86 -1.28 4.35
C VAL A 412 17.85 -1.66 2.87
N GLU A 413 19.03 -1.78 2.28
CA GLU A 413 19.13 -2.11 0.86
C GLU A 413 18.66 -3.56 0.65
N ARG A 414 17.91 -3.81 -0.42
CA ARG A 414 17.51 -5.18 -0.75
C ARG A 414 18.72 -6.12 -0.76
N ARG A 415 18.51 -7.35 -0.29
CA ARG A 415 19.53 -8.39 -0.17
C ARG A 415 20.40 -8.29 1.07
N TRP A 416 20.19 -7.24 1.86
CA TRP A 416 20.98 -7.03 3.07
C TRP A 416 20.22 -7.09 4.37
N HIS A 417 20.96 -7.32 5.45
CA HIS A 417 20.49 -7.21 6.82
C HIS A 417 21.28 -6.13 7.56
N VAL A 418 20.66 -5.55 8.58
CA VAL A 418 21.36 -4.71 9.53
CA VAL A 418 21.36 -4.70 9.54
C VAL A 418 21.21 -5.33 10.92
N ALA A 419 22.30 -5.41 11.66
CA ALA A 419 22.27 -6.00 12.98
C ALA A 419 23.03 -5.07 13.90
N ARG A 420 22.80 -5.21 15.19
CA ARG A 420 23.41 -4.32 16.16
C ARG A 420 24.92 -4.59 16.25
N LYS A 421 25.29 -5.86 16.32
CA LYS A 421 26.71 -6.22 16.42
C LYS A 421 26.93 -7.69 16.10
N PRO A 422 28.19 -8.07 15.78
CA PRO A 422 28.48 -9.44 15.35
C PRO A 422 28.08 -10.47 16.39
N LEU A 423 28.30 -10.17 17.67
CA LEU A 423 27.88 -11.09 18.73
C LEU A 423 26.37 -11.33 18.66
N CYS A 433 24.23 -19.97 5.36
CA CYS A 433 23.84 -20.30 6.73
C CYS A 433 22.50 -21.01 6.76
N PHE A 434 21.87 -20.97 7.94
CA PHE A 434 20.55 -21.54 8.12
C PHE A 434 19.47 -20.74 7.40
N PHE A 435 19.77 -19.53 6.95
CA PHE A 435 18.76 -18.77 6.22
C PHE A 435 19.36 -18.19 4.95
N GLN A 436 18.58 -18.22 3.87
CA GLN A 436 19.02 -17.64 2.62
C GLN A 436 17.96 -16.72 2.04
N GLY A 437 16.84 -16.58 2.75
CA GLY A 437 15.84 -15.67 2.28
C GLY A 437 15.28 -14.79 3.38
N ASP A 438 14.86 -13.57 3.02
CA ASP A 438 14.12 -12.74 3.97
C ASP A 438 13.33 -11.65 3.23
N HIS A 439 12.54 -10.89 3.99
CA HIS A 439 11.71 -9.85 3.42
C HIS A 439 11.49 -8.81 4.50
N GLY A 440 10.90 -7.68 4.14
CA GLY A 440 10.69 -6.58 5.09
C GLY A 440 11.05 -5.23 4.46
N PHE A 441 11.76 -5.31 3.34
CA PHE A 441 12.25 -4.11 2.64
C PHE A 441 11.16 -3.21 2.08
N ASP A 442 11.57 -1.99 1.73
CA ASP A 442 10.79 -1.02 0.94
C ASP A 442 9.79 -1.73 0.03
N ASN A 443 8.51 -1.38 0.18
CA ASN A 443 7.47 -2.12 -0.55
C ASN A 443 7.39 -1.88 -2.06
N LYS A 444 8.27 -1.05 -2.62
CA LYS A 444 8.32 -0.98 -4.08
C LYS A 444 9.40 -1.89 -4.69
N VAL A 445 10.20 -2.51 -3.83
CA VAL A 445 11.23 -3.47 -4.26
C VAL A 445 10.59 -4.67 -4.98
N ASN A 446 11.06 -5.02 -6.18
CA ASN A 446 10.44 -6.12 -6.92
C ASN A 446 10.27 -7.43 -6.16
N SER A 447 11.32 -7.83 -5.45
CA SER A 447 11.31 -9.10 -4.75
C SER A 447 10.23 -9.13 -3.67
N MET A 448 9.73 -7.98 -3.25
CA MET A 448 8.73 -7.92 -2.18
C MET A 448 7.30 -8.03 -2.71
N GLN A 449 7.13 -7.94 -4.02
CA GLN A 449 5.77 -7.97 -4.57
C GLN A 449 5.16 -9.34 -4.37
N THR A 450 3.84 -9.39 -4.24
CA THR A 450 3.18 -10.65 -3.96
C THR A 450 2.06 -10.91 -4.97
N VAL A 451 1.20 -11.89 -4.68
CA VAL A 451 0.24 -12.40 -5.65
CA VAL A 451 0.24 -12.33 -5.67
C VAL A 451 -1.20 -11.92 -5.37
N PHE A 452 -1.98 -11.79 -6.43
CA PHE A 452 -3.43 -11.64 -6.35
C PHE A 452 -4.10 -12.37 -7.53
N VAL A 453 -5.04 -13.25 -7.22
CA VAL A 453 -5.94 -13.82 -8.21
C VAL A 453 -7.35 -13.84 -7.62
N GLY A 454 -8.36 -13.49 -8.44
CA GLY A 454 -9.73 -13.62 -8.03
C GLY A 454 -10.44 -14.52 -9.04
N TYR A 455 -11.16 -15.50 -8.54
CA TYR A 455 -11.83 -16.47 -9.41
C TYR A 455 -13.24 -16.69 -8.90
N GLY A 456 -14.21 -16.66 -9.81
CA GLY A 456 -15.58 -16.93 -9.41
C GLY A 456 -16.55 -16.01 -10.14
N PRO A 457 -17.84 -16.16 -9.84
CA PRO A 457 -18.87 -15.47 -10.60
C PRO A 457 -18.73 -13.96 -10.61
N THR A 458 -18.21 -13.36 -9.52
CA THR A 458 -18.21 -11.92 -9.43
C THR A 458 -16.95 -11.30 -10.05
N PHE A 459 -15.93 -12.11 -10.24
CA PHE A 459 -14.72 -11.64 -10.91
C PHE A 459 -14.86 -11.76 -12.42
N LYS A 460 -14.00 -11.07 -13.15
CA LYS A 460 -13.99 -11.23 -14.60
C LYS A 460 -13.36 -12.55 -15.03
N TYR A 461 -13.62 -12.91 -16.28
CA TYR A 461 -13.14 -14.16 -16.85
C TYR A 461 -11.90 -13.90 -17.71
N ARG A 462 -10.85 -14.69 -17.51
CA ARG A 462 -9.62 -14.54 -18.29
C ARG A 462 -9.16 -13.09 -18.47
N THR A 463 -9.06 -12.36 -17.37
CA THR A 463 -8.75 -10.96 -17.42
C THR A 463 -7.50 -10.63 -16.60
N LYS A 464 -6.59 -9.85 -17.17
CA LYS A 464 -5.43 -9.35 -16.44
C LYS A 464 -5.64 -7.89 -16.08
N VAL A 465 -5.27 -7.52 -14.86
CA VAL A 465 -5.44 -6.15 -14.43
C VAL A 465 -4.10 -5.62 -13.98
N PRO A 466 -3.94 -4.29 -13.99
CA PRO A 466 -2.64 -3.74 -13.57
C PRO A 466 -2.39 -4.05 -12.09
N PRO A 467 -1.13 -4.01 -11.68
CA PRO A 467 -0.80 -4.19 -10.27
C PRO A 467 -1.48 -3.12 -9.43
N PHE A 468 -1.78 -3.48 -8.19
CA PHE A 468 -2.44 -2.53 -7.30
C PHE A 468 -1.98 -2.86 -5.90
N GLU A 469 -2.38 -2.01 -4.95
CA GLU A 469 -1.93 -2.09 -3.56
C GLU A 469 -2.91 -2.85 -2.70
N ASN A 470 -2.37 -3.58 -1.73
CA ASN A 470 -3.20 -4.44 -0.91
C ASN A 470 -4.20 -3.67 -0.05
N ILE A 471 -3.94 -2.39 0.17
CA ILE A 471 -4.87 -1.56 0.95
C ILE A 471 -6.22 -1.46 0.23
N GLU A 472 -6.24 -1.75 -1.07
CA GLU A 472 -7.47 -1.59 -1.87
C GLU A 472 -8.43 -2.77 -1.69
N LEU A 473 -7.92 -3.89 -1.18
CA LEU A 473 -8.68 -5.15 -1.21
C LEU A 473 -9.84 -5.21 -0.22
N TYR A 474 -9.68 -4.57 0.93
CA TYR A 474 -10.77 -4.55 1.91
C TYR A 474 -12.09 -4.02 1.26
N ASN A 475 -12.02 -2.90 0.56
CA ASN A 475 -13.22 -2.38 -0.11
C ASN A 475 -13.85 -3.41 -1.07
N VAL A 476 -13.01 -4.11 -1.82
CA VAL A 476 -13.48 -5.10 -2.79
C VAL A 476 -14.11 -6.31 -2.11
N MET A 477 -13.52 -6.73 -0.99
CA MET A 477 -14.10 -7.82 -0.24
C MET A 477 -15.43 -7.37 0.37
N CYS A 478 -15.51 -6.13 0.79
CA CYS A 478 -16.79 -5.61 1.27
C CYS A 478 -17.81 -5.64 0.13
N ASP A 479 -17.40 -5.19 -1.05
CA ASP A 479 -18.26 -5.27 -2.25
C ASP A 479 -18.75 -6.68 -2.51
N LEU A 480 -17.84 -7.66 -2.48
CA LEU A 480 -18.18 -9.05 -2.77
C LEU A 480 -19.16 -9.62 -1.74
N LEU A 481 -19.24 -8.97 -0.58
CA LEU A 481 -20.09 -9.47 0.50
C LEU A 481 -21.32 -8.60 0.76
N GLY A 482 -21.49 -7.55 -0.01
CA GLY A 482 -22.60 -6.63 0.20
C GLY A 482 -22.45 -5.76 1.43
N LEU A 483 -21.22 -5.58 1.88
CA LEU A 483 -20.93 -4.82 3.10
C LEU A 483 -20.55 -3.38 2.80
N LYS A 484 -20.85 -2.48 3.74
CA LYS A 484 -20.33 -1.11 3.69
C LYS A 484 -19.01 -0.99 4.44
N PRO A 485 -17.96 -0.63 3.72
CA PRO A 485 -16.65 -0.63 4.39
C PRO A 485 -16.52 0.46 5.45
N ALA A 486 -15.83 0.13 6.53
CA ALA A 486 -15.44 1.12 7.51
C ALA A 486 -14.44 2.07 6.84
N PRO A 487 -14.23 3.26 7.41
CA PRO A 487 -13.31 4.21 6.79
C PRO A 487 -11.92 3.61 6.64
N ASN A 488 -11.35 3.71 5.44
CA ASN A 488 -10.04 3.07 5.26
C ASN A 488 -9.24 3.79 4.18
N ASN A 489 -8.06 3.28 3.83
CA ASN A 489 -7.14 4.03 2.97
C ASN A 489 -7.21 3.63 1.51
N GLY A 490 -8.02 2.62 1.23
CA GLY A 490 -8.31 2.28 -0.14
C GLY A 490 -9.05 3.45 -0.77
N THR A 491 -9.15 3.43 -2.09
CA THR A 491 -9.90 4.45 -2.82
C THR A 491 -11.03 3.68 -3.52
N HIS A 492 -12.24 3.80 -2.97
CA HIS A 492 -13.31 2.87 -3.34
C HIS A 492 -13.78 3.13 -4.76
N GLY A 493 -13.66 2.11 -5.61
CA GLY A 493 -13.98 2.25 -7.02
C GLY A 493 -12.75 2.09 -7.89
N SER A 494 -11.56 2.27 -7.31
CA SER A 494 -10.32 2.13 -8.07
C SER A 494 -10.08 0.69 -8.56
N LEU A 495 -10.77 -0.28 -7.95
CA LEU A 495 -10.66 -1.67 -8.41
C LEU A 495 -11.96 -2.21 -9.06
N ASN A 496 -12.83 -1.32 -9.51
CA ASN A 496 -14.07 -1.80 -10.12
C ASN A 496 -13.78 -2.64 -11.35
N HIS A 497 -12.64 -2.41 -11.98
CA HIS A 497 -12.28 -3.12 -13.21
C HIS A 497 -11.94 -4.59 -13.01
N LEU A 498 -11.84 -5.03 -11.75
CA LEU A 498 -11.62 -6.44 -11.48
C LEU A 498 -12.93 -7.24 -11.51
N LEU A 499 -14.05 -6.52 -11.49
CA LEU A 499 -15.34 -7.12 -11.18
C LEU A 499 -16.31 -7.14 -12.36
N ARG A 500 -17.01 -8.25 -12.51
CA ARG A 500 -18.09 -8.41 -13.50
C ARG A 500 -19.34 -7.67 -13.03
N THR A 501 -19.60 -7.75 -11.72
CA THR A 501 -20.73 -7.07 -11.09
C THR A 501 -20.34 -6.69 -9.66
N ASN A 502 -21.26 -6.05 -8.93
CA ASN A 502 -21.02 -5.66 -7.54
C ASN A 502 -20.05 -4.49 -7.44
N THR A 503 -19.84 -3.81 -8.55
CA THR A 503 -18.97 -2.64 -8.56
C THR A 503 -19.58 -1.53 -7.70
N PHE A 504 -18.72 -0.67 -7.19
CA PHE A 504 -19.18 0.45 -6.37
C PHE A 504 -19.26 1.72 -7.21
N ARG A 505 -20.42 2.38 -7.25
CA ARG A 505 -20.50 3.59 -8.04
C ARG A 505 -19.98 4.78 -7.23
N PRO A 506 -18.81 5.29 -7.59
CA PRO A 506 -18.22 6.38 -6.83
C PRO A 506 -18.89 7.68 -7.20
N THR A 507 -18.85 8.64 -6.30
CA THR A 507 -19.37 9.96 -6.62
C THR A 507 -18.33 10.99 -6.31
N LEU A 508 -18.21 11.96 -7.20
CA LEU A 508 -17.22 13.02 -7.13
C LEU A 508 -17.40 13.86 -5.87
N PRO A 509 -16.29 14.16 -5.19
CA PRO A 509 -16.42 15.03 -4.01
C PRO A 509 -16.88 16.41 -4.42
N GLU A 510 -17.67 17.04 -3.57
CA GLU A 510 -18.13 18.39 -3.84
C GLU A 510 -17.07 19.39 -3.45
N GLU A 511 -16.83 20.35 -4.33
CA GLU A 511 -15.91 21.44 -4.03
C GLU A 511 -16.45 22.24 -2.86
N VAL A 512 -15.56 22.65 -1.96
CA VAL A 512 -15.97 23.33 -0.75
C VAL A 512 -15.71 24.81 -0.89
N SER A 513 -14.62 25.15 -1.55
CA SER A 513 -14.30 26.54 -1.78
C SER A 513 -14.21 26.83 -3.28
N ARG A 514 -15.07 27.73 -3.72
CA ARG A 514 -15.00 28.29 -5.07
C ARG A 514 -13.99 29.42 -5.08
N PRO A 515 -13.26 29.58 -6.19
CA PRO A 515 -12.24 30.62 -6.27
C PRO A 515 -12.77 32.00 -6.63
N ASN A 516 -11.94 33.01 -6.36
CA ASN A 516 -12.10 34.35 -6.87
C ASN A 516 -11.36 34.44 -8.18
N TYR A 517 -11.87 35.24 -9.10
CA TYR A 517 -11.16 35.50 -10.34
C TYR A 517 -10.89 36.99 -10.41
N PRO A 518 -9.90 37.46 -9.62
CA PRO A 518 -9.62 38.88 -9.44
C PRO A 518 -8.93 39.49 -10.65
N GLY A 519 -9.43 40.64 -11.12
CA GLY A 519 -8.74 41.40 -12.14
C GLY A 519 -7.77 42.37 -11.46
N ILE A 520 -7.12 43.25 -12.21
CA ILE A 520 -6.26 44.24 -11.56
C ILE A 520 -7.05 45.15 -10.62
N MET A 521 -6.52 45.33 -9.42
CA MET A 521 -7.08 46.28 -8.47
C MET A 521 -5.99 47.18 -7.92
N TYR A 522 -4.76 47.00 -8.39
CA TYR A 522 -3.62 47.75 -7.85
C TYR A 522 -2.64 48.25 -8.92
N LEU A 523 -1.68 49.05 -8.47
CA LEU A 523 -0.60 49.57 -9.29
C LEU A 523 0.73 49.22 -8.67
N GLN A 524 1.77 49.14 -9.49
CA GLN A 524 3.12 48.82 -9.03
C GLN A 524 3.53 49.70 -7.86
N SER A 525 3.11 50.95 -7.90
CA SER A 525 3.41 51.89 -6.84
C SER A 525 2.74 51.46 -5.53
N ASP A 526 1.80 50.53 -5.63
CA ASP A 526 1.03 50.09 -4.46
C ASP A 526 1.80 49.18 -3.51
N PHE A 527 2.92 48.64 -3.98
CA PHE A 527 3.66 47.60 -3.25
C PHE A 527 4.95 48.08 -2.62
N ASP A 528 5.16 47.74 -1.36
CA ASP A 528 6.44 47.97 -0.70
C ASP A 528 7.05 46.64 -0.25
N LEU A 529 7.33 45.77 -1.22
CA LEU A 529 7.69 44.38 -0.93
C LEU A 529 9.20 44.08 -0.85
N GLY A 530 10.03 45.00 -1.31
CA GLY A 530 11.47 44.80 -1.23
C GLY A 530 12.05 44.16 -2.47
N CYS A 531 11.22 43.99 -3.48
CA CYS A 531 11.67 43.33 -4.70
C CYS A 531 12.33 44.35 -5.63
N THR A 532 12.96 43.85 -6.68
CA THR A 532 13.48 44.70 -7.73
C THR A 532 13.54 43.86 -8.97
N CYS A 533 13.35 44.50 -10.11
CA CYS A 533 13.48 43.79 -11.35
C CYS A 533 13.92 44.77 -12.43
N ASP A 534 15.13 44.64 -12.83
CA ASP A 534 15.65 45.45 -13.92
C ASP A 534 15.71 44.59 -15.18
N THR A 552 -6.61 29.92 -21.99
CA THR A 552 -5.64 29.40 -21.04
C THR A 552 -6.18 28.17 -20.35
N GLU A 553 -7.26 28.35 -19.60
CA GLU A 553 -7.79 27.28 -18.76
C GLU A 553 -7.89 25.97 -19.55
N GLU A 554 -8.39 26.05 -20.79
CA GLU A 554 -8.51 24.87 -21.63
C GLU A 554 -7.17 24.26 -22.00
N ARG A 555 -6.18 25.12 -22.27
CA ARG A 555 -4.86 24.67 -22.69
C ARG A 555 -3.95 24.24 -21.53
N HIS A 556 -4.03 24.95 -20.41
CA HIS A 556 -3.11 24.66 -19.32
C HIS A 556 -3.70 23.79 -18.21
N LEU A 557 -5.02 23.63 -18.23
CA LEU A 557 -5.70 22.68 -17.35
C LEU A 557 -6.45 21.67 -18.17
N LEU A 558 -5.73 20.69 -18.71
CA LEU A 558 -6.32 19.73 -19.63
C LEU A 558 -7.39 18.86 -19.00
N TYR A 559 -7.33 18.68 -17.68
CA TYR A 559 -8.24 17.76 -17.01
C TYR A 559 -9.11 18.51 -16.04
N GLY A 560 -9.25 19.82 -16.27
CA GLY A 560 -10.09 20.64 -15.44
C GLY A 560 -9.30 21.17 -14.26
N ARG A 561 -9.80 22.23 -13.64
CA ARG A 561 -9.11 22.75 -12.48
C ARG A 561 -9.41 21.85 -11.28
N PRO A 562 -8.44 21.70 -10.38
CA PRO A 562 -8.63 20.91 -9.16
C PRO A 562 -9.71 21.52 -8.30
N ALA A 563 -10.52 20.69 -7.63
CA ALA A 563 -11.46 21.22 -6.67
C ALA A 563 -10.77 21.35 -5.31
N VAL A 564 -11.01 22.47 -4.64
CA VAL A 564 -10.51 22.67 -3.28
C VAL A 564 -11.52 22.11 -2.29
N LEU A 565 -11.10 21.11 -1.51
CA LEU A 565 -12.06 20.40 -0.67
C LEU A 565 -12.02 20.83 0.79
N TYR A 566 -11.54 22.04 1.03
CA TYR A 566 -11.58 22.62 2.37
C TYR A 566 -11.91 24.10 2.28
N ARG A 567 -12.17 24.71 3.44
CA ARG A 567 -12.62 26.10 3.50
C ARG A 567 -11.43 27.02 3.52
N THR A 568 -11.27 27.80 2.47
CA THR A 568 -10.12 28.68 2.34
C THR A 568 -10.40 29.69 1.24
N SER A 569 -9.50 30.65 1.08
CA SER A 569 -9.70 31.72 0.12
C SER A 569 -8.57 31.74 -0.89
N TYR A 570 -8.90 31.58 -2.18
CA TYR A 570 -7.88 31.54 -3.22
C TYR A 570 -8.34 32.16 -4.53
N ASP A 571 -7.36 32.54 -5.36
CA ASP A 571 -7.62 33.23 -6.63
C ASP A 571 -7.15 32.40 -7.79
N ILE A 572 -7.97 32.28 -8.82
CA ILE A 572 -7.47 31.75 -10.07
C ILE A 572 -6.65 32.84 -10.74
N LEU A 573 -5.44 32.53 -11.15
CA LEU A 573 -4.62 33.47 -11.89
C LEU A 573 -4.26 32.87 -13.25
N TYR A 574 -4.57 33.60 -14.33
CA TYR A 574 -4.25 33.13 -15.67
C TYR A 574 -2.98 33.78 -16.19
N HIS A 575 -2.23 33.06 -17.00
CA HIS A 575 -1.02 33.62 -17.60
C HIS A 575 -0.87 33.02 -18.97
N THR A 576 0.00 33.59 -19.79
CA THR A 576 0.25 33.02 -21.10
C THR A 576 0.59 31.55 -20.96
N ASP A 577 1.59 31.26 -20.12
CA ASP A 577 2.17 29.92 -20.03
C ASP A 577 1.71 29.07 -18.86
N PHE A 578 0.98 29.63 -17.92
CA PHE A 578 0.50 28.83 -16.81
C PHE A 578 -0.73 29.39 -16.12
N GLU A 579 -1.38 28.54 -15.35
CA GLU A 579 -2.47 28.97 -14.49
C GLU A 579 -2.17 28.48 -13.09
N SER A 580 -2.68 29.21 -12.10
CA SER A 580 -2.46 28.83 -10.72
C SER A 580 -3.69 29.11 -9.90
N GLY A 581 -3.83 28.37 -8.81
CA GLY A 581 -4.78 28.69 -7.77
C GLY A 581 -3.99 29.29 -6.62
N TYR A 582 -3.94 30.62 -6.57
CA TYR A 582 -3.12 31.33 -5.59
C TYR A 582 -3.85 31.49 -4.26
N SER A 583 -3.23 31.02 -3.19
CA SER A 583 -3.89 31.10 -1.90
C SER A 583 -3.61 32.43 -1.22
N GLU A 584 -4.67 33.11 -0.81
CA GLU A 584 -4.51 34.38 -0.12
C GLU A 584 -4.10 34.17 1.32
N ILE A 585 -4.29 32.94 1.80
CA ILE A 585 -3.97 32.58 3.17
C ILE A 585 -2.51 32.10 3.33
N PHE A 586 -2.05 31.26 2.39
CA PHE A 586 -0.71 30.70 2.53
C PHE A 586 0.30 31.45 1.72
N LEU A 587 -0.19 32.41 0.95
CA LEU A 587 0.65 33.38 0.25
C LEU A 587 1.45 32.76 -0.86
N MET A 588 0.90 31.71 -1.45
CA MET A 588 1.52 31.07 -2.58
C MET A 588 0.46 30.20 -3.22
N PRO A 589 0.73 29.73 -4.43
CA PRO A 589 -0.24 28.84 -5.09
C PRO A 589 -0.41 27.51 -4.32
N LEU A 590 -1.65 27.03 -4.28
CA LEU A 590 -1.95 25.66 -3.85
C LEU A 590 -1.58 24.73 -4.99
N TRP A 591 -1.57 25.29 -6.20
CA TRP A 591 -1.26 24.55 -7.42
C TRP A 591 -0.94 25.47 -8.60
N THR A 592 -0.05 25.00 -9.47
CA THR A 592 0.37 25.74 -10.65
C THR A 592 0.34 24.73 -11.77
N SER A 593 -0.37 25.05 -12.84
CA SER A 593 -0.63 24.07 -13.86
C SER A 593 -0.22 24.59 -15.23
N TYR A 594 0.55 23.81 -15.96
CA TYR A 594 0.98 24.22 -17.29
C TYR A 594 1.21 23.05 -18.20
N THR A 595 1.08 23.27 -19.51
CA THR A 595 1.34 22.21 -20.47
C THR A 595 2.56 22.54 -21.31
N ILE A 596 3.39 21.53 -21.52
CA ILE A 596 4.64 21.68 -22.24
C ILE A 596 4.68 20.76 -23.43
N SER A 597 4.69 21.35 -24.62
CA SER A 597 4.73 20.54 -25.84
C SER A 597 6.09 19.86 -25.94
N LYS A 598 6.11 18.77 -26.68
CA LYS A 598 7.33 18.03 -26.90
C LYS A 598 8.37 18.88 -27.63
N GLN A 599 7.89 19.77 -28.50
CA GLN A 599 8.74 20.63 -29.30
C GLN A 599 9.12 21.89 -28.52
N ALA A 600 8.60 22.00 -27.30
CA ALA A 600 8.84 23.18 -26.50
C ALA A 600 10.33 23.46 -26.37
N GLU A 601 10.65 24.74 -26.32
CA GLU A 601 12.01 25.21 -26.33
C GLU A 601 12.35 25.77 -24.96
N VAL A 602 13.49 25.34 -24.44
CA VAL A 602 13.96 25.80 -23.15
C VAL A 602 14.89 26.99 -23.31
N SER A 603 14.60 28.06 -22.59
CA SER A 603 15.43 29.24 -22.64
C SER A 603 16.17 29.43 -21.32
N SER A 604 17.24 30.20 -21.37
CA SER A 604 17.99 30.49 -20.17
C SER A 604 17.30 31.62 -19.44
N ILE A 605 17.76 31.92 -18.23
CA ILE A 605 17.35 33.14 -17.54
C ILE A 605 18.51 34.11 -17.64
N PRO A 606 18.26 35.30 -18.24
CA PRO A 606 19.26 36.36 -18.39
C PRO A 606 19.84 36.87 -17.08
N GLU A 607 21.12 37.23 -17.10
CA GLU A 607 21.83 37.62 -15.88
C GLU A 607 21.24 38.82 -15.13
N HIS A 608 20.60 39.73 -15.85
CA HIS A 608 19.98 40.90 -15.21
C HIS A 608 18.65 40.55 -14.54
N LEU A 609 18.09 39.40 -14.92
CA LEU A 609 16.81 38.94 -14.38
C LEU A 609 17.00 37.91 -13.29
N THR A 610 18.28 37.72 -12.89
CA THR A 610 18.63 36.75 -11.87
C THR A 610 17.81 37.00 -10.61
N ASN A 611 17.73 38.19 -10.20
CA ASN A 611 16.98 38.43 -8.96
C ASN A 611 15.68 39.14 -9.16
N CYS A 612 15.17 39.09 -10.38
CA CYS A 612 13.91 39.74 -10.68
C CYS A 612 12.76 39.04 -9.99
N VAL A 613 12.09 39.79 -9.12
CA VAL A 613 10.77 39.42 -8.63
C VAL A 613 9.86 40.62 -8.83
N ARG A 614 8.65 40.38 -9.33
CA ARG A 614 7.69 41.46 -9.60
C ARG A 614 6.40 41.29 -8.80
N PRO A 615 5.80 42.42 -8.38
CA PRO A 615 4.49 42.41 -7.73
C PRO A 615 3.39 41.95 -8.68
N ASP A 616 2.31 41.39 -8.14
CA ASP A 616 1.20 40.95 -8.98
C ASP A 616 0.00 41.85 -8.77
N VAL A 617 -0.34 42.63 -9.79
CA VAL A 617 -1.32 43.70 -9.67
C VAL A 617 -2.76 43.19 -9.44
N ARG A 618 -2.99 41.88 -9.55
CA ARG A 618 -4.34 41.36 -9.30
C ARG A 618 -4.49 40.96 -7.85
N VAL A 619 -3.38 40.85 -7.16
CA VAL A 619 -3.41 40.40 -5.78
C VAL A 619 -2.86 41.47 -4.89
N SER A 620 -3.55 41.67 -3.78
CA SER A 620 -3.23 42.72 -2.85
C SER A 620 -1.82 42.60 -2.31
N PRO A 621 -1.20 43.73 -1.99
CA PRO A 621 0.10 43.74 -1.31
C PRO A 621 0.04 42.96 0.01
N GLY A 622 -1.07 43.08 0.72
CA GLY A 622 -1.23 42.40 1.99
C GLY A 622 -1.27 40.89 1.87
N PHE A 623 -1.73 40.40 0.73
CA PHE A 623 -1.82 38.96 0.46
C PHE A 623 -0.64 38.48 -0.38
N SER A 624 0.49 39.17 -0.25
CA SER A 624 1.66 38.83 -1.05
C SER A 624 2.86 38.57 -0.15
N GLN A 625 3.79 37.75 -0.63
CA GLN A 625 5.05 37.55 0.07
C GLN A 625 5.85 38.83 -0.14
N ASN A 626 6.97 38.97 0.55
CA ASN A 626 7.83 40.11 0.34
C ASN A 626 9.30 39.70 0.26
N CYS A 627 10.02 40.27 -0.69
CA CYS A 627 11.38 39.83 -0.92
C CYS A 627 12.34 40.23 0.19
N LEU A 628 11.96 41.21 1.01
CA LEU A 628 12.83 41.61 2.12
C LEU A 628 13.07 40.43 3.07
N ALA A 629 12.04 39.62 3.27
CA ALA A 629 12.18 38.45 4.14
C ALA A 629 13.22 37.50 3.55
N TYR A 630 13.21 37.33 2.24
CA TYR A 630 14.21 36.47 1.63
C TYR A 630 15.59 37.06 1.70
N LYS A 631 15.75 38.34 1.38
CA LYS A 631 17.08 38.93 1.46
C LYS A 631 17.61 38.79 2.89
N ASN A 632 16.69 38.85 3.85
CA ASN A 632 17.01 38.85 5.27
C ASN A 632 17.22 37.47 5.92
N ASP A 633 16.60 36.42 5.38
CA ASP A 633 16.76 35.07 5.92
C ASP A 633 18.05 34.48 5.37
N LYS A 634 19.03 34.24 6.22
CA LYS A 634 20.35 33.80 5.74
C LYS A 634 20.35 32.36 5.22
N GLN A 635 19.29 31.61 5.54
CA GLN A 635 19.23 30.19 5.21
C GLN A 635 18.24 29.84 4.10
N MET A 636 17.23 30.66 3.93
CA MET A 636 16.16 30.32 2.99
C MET A 636 16.21 31.17 1.74
N SER A 637 16.16 30.54 0.57
CA SER A 637 16.03 31.26 -0.69
C SER A 637 14.62 31.05 -1.23
N TYR A 638 14.45 31.17 -2.54
CA TYR A 638 13.12 31.02 -3.11
C TYR A 638 13.23 30.38 -4.46
N GLY A 639 12.12 29.86 -4.96
CA GLY A 639 12.08 29.31 -6.29
C GLY A 639 10.73 29.62 -6.92
N PHE A 640 10.52 29.13 -8.13
CA PHE A 640 9.26 29.39 -8.82
C PHE A 640 8.57 28.08 -9.21
N LEU A 641 7.25 28.02 -9.04
CA LEU A 641 6.50 26.84 -9.48
C LEU A 641 6.44 26.69 -11.02
N PHE A 642 6.11 27.76 -11.74
CA PHE A 642 6.32 27.71 -13.19
C PHE A 642 7.74 28.20 -13.49
N PRO A 643 8.53 27.38 -14.19
CA PRO A 643 9.93 27.74 -14.43
C PRO A 643 10.10 28.74 -15.57
N PRO A 644 10.76 29.87 -15.30
CA PRO A 644 11.11 30.85 -16.33
C PRO A 644 11.71 30.18 -17.57
N TYR A 645 12.47 29.11 -17.36
CA TYR A 645 13.12 28.39 -18.45
C TYR A 645 12.19 27.91 -19.55
N LEU A 646 10.89 27.81 -19.27
CA LEU A 646 9.98 27.22 -20.25
C LEU A 646 8.98 28.24 -20.78
N SER A 647 9.30 29.51 -20.57
CA SER A 647 8.50 30.63 -21.06
C SER A 647 8.24 30.53 -22.55
N SER A 648 7.07 30.98 -22.99
CA SER A 648 6.77 30.99 -24.41
C SER A 648 7.51 32.15 -25.09
N SER A 649 7.64 33.27 -24.37
CA SER A 649 8.30 34.46 -24.90
C SER A 649 8.78 35.39 -23.78
N PRO A 650 9.74 36.28 -24.09
CA PRO A 650 10.40 37.10 -23.06
C PRO A 650 9.37 37.94 -22.32
N GLU A 651 8.35 38.33 -23.06
CA GLU A 651 7.25 39.07 -22.47
C GLU A 651 6.56 38.17 -21.46
N ALA A 652 6.39 36.92 -21.83
CA ALA A 652 5.72 35.94 -20.98
C ALA A 652 6.61 35.57 -19.79
N LYS A 653 7.90 35.41 -20.09
CA LYS A 653 8.90 35.02 -19.10
C LYS A 653 8.92 35.94 -17.91
N TYR A 654 8.51 37.18 -18.13
CA TYR A 654 8.47 38.16 -17.05
C TYR A 654 7.34 37.83 -16.08
N ASP A 655 6.36 37.06 -16.56
CA ASP A 655 5.26 36.62 -15.72
C ASP A 655 5.72 35.57 -14.71
N ALA A 656 6.76 34.83 -15.06
CA ALA A 656 7.30 33.77 -14.21
C ALA A 656 7.94 34.35 -12.96
N PHE A 657 8.35 35.61 -13.04
CA PHE A 657 9.05 36.27 -11.94
C PHE A 657 8.08 36.93 -11.01
N LEU A 658 6.81 36.78 -11.31
CA LEU A 658 5.75 37.32 -10.49
C LEU A 658 5.95 36.83 -9.06
N VAL A 659 5.61 37.68 -8.11
CA VAL A 659 5.74 37.33 -6.70
C VAL A 659 4.80 36.18 -6.33
N THR A 660 3.78 35.97 -7.16
CA THR A 660 2.71 35.01 -6.85
C THR A 660 3.04 33.63 -7.43
N ASN A 661 4.20 33.54 -8.08
CA ASN A 661 4.71 32.30 -8.61
C ASN A 661 5.91 31.87 -7.75
N MET A 662 6.21 32.63 -6.71
CA MET A 662 7.40 32.35 -5.89
C MET A 662 7.08 31.51 -4.64
N VAL A 663 7.98 30.60 -4.29
CA VAL A 663 7.83 29.79 -3.08
C VAL A 663 9.18 29.64 -2.38
N PRO A 664 9.15 29.49 -1.05
CA PRO A 664 10.39 29.42 -0.27
C PRO A 664 11.10 28.08 -0.40
N MET A 665 12.39 28.14 -0.71
CA MET A 665 13.18 26.95 -0.94
C MET A 665 14.58 27.11 -0.37
N TYR A 666 15.00 26.14 0.45
CA TYR A 666 16.40 26.06 0.87
C TYR A 666 17.27 25.90 -0.36
N PRO A 667 18.46 26.51 -0.34
CA PRO A 667 19.41 26.32 -1.44
C PRO A 667 19.62 24.83 -1.76
N ALA A 668 19.71 23.99 -0.73
CA ALA A 668 19.87 22.55 -0.95
C ALA A 668 18.75 21.98 -1.81
N PHE A 669 17.52 22.39 -1.50
CA PHE A 669 16.39 21.98 -2.33
C PHE A 669 16.44 22.59 -3.72
N LYS A 670 16.86 23.85 -3.80
CA LYS A 670 16.95 24.51 -5.09
C LYS A 670 17.83 23.73 -6.06
N ARG A 671 18.86 23.07 -5.54
CA ARG A 671 19.71 22.24 -6.40
C ARG A 671 18.87 21.20 -7.13
N VAL A 672 17.90 20.65 -6.40
CA VAL A 672 17.00 19.64 -6.94
C VAL A 672 15.97 20.26 -7.88
N TRP A 673 15.28 21.28 -7.37
CA TRP A 673 14.17 21.88 -8.10
C TRP A 673 14.63 22.51 -9.42
N THR A 674 15.77 23.19 -9.41
CA THR A 674 16.23 23.82 -10.63
C THR A 674 16.54 22.79 -11.68
N TYR A 675 17.17 21.69 -11.27
CA TYR A 675 17.49 20.62 -12.20
C TYR A 675 16.21 20.03 -12.78
N PHE A 676 15.21 19.84 -11.93
CA PHE A 676 13.90 19.36 -12.35
C PHE A 676 13.24 20.32 -13.36
N GLN A 677 13.20 21.60 -13.00
CA GLN A 677 12.53 22.61 -13.83
C GLN A 677 13.27 22.86 -15.13
N ARG A 678 14.59 22.95 -15.04
CA ARG A 678 15.43 23.33 -16.18
C ARG A 678 15.66 22.17 -17.13
N VAL A 679 15.90 20.97 -16.58
CA VAL A 679 16.30 19.83 -17.38
C VAL A 679 15.23 18.74 -17.52
N LEU A 680 14.69 18.28 -16.40
CA LEU A 680 13.83 17.09 -16.41
C LEU A 680 12.44 17.27 -17.05
N VAL A 681 11.80 18.40 -16.80
CA VAL A 681 10.46 18.63 -17.30
C VAL A 681 10.48 18.58 -18.82
N LYS A 682 11.48 19.24 -19.40
CA LYS A 682 11.65 19.21 -20.85
C LYS A 682 11.92 17.79 -21.31
N LYS A 683 12.76 17.07 -20.56
CA LYS A 683 13.07 15.70 -20.93
C LYS A 683 11.83 14.81 -20.90
N TYR A 684 10.95 15.04 -19.94
CA TYR A 684 9.70 14.28 -19.92
C TYR A 684 8.84 14.63 -21.11
N ALA A 685 8.82 15.91 -21.46
CA ALA A 685 8.02 16.37 -22.60
C ALA A 685 8.50 15.69 -23.89
N SER A 686 9.81 15.54 -24.02
CA SER A 686 10.39 14.91 -25.20
C SER A 686 10.10 13.42 -25.28
N GLU A 687 10.22 12.74 -24.14
CA GLU A 687 10.01 11.29 -24.07
C GLU A 687 8.54 10.90 -24.17
N ARG A 688 7.65 11.78 -23.69
CA ARG A 688 6.24 11.43 -23.56
C ARG A 688 5.34 12.13 -24.58
N ASN A 689 5.96 12.95 -25.43
CA ASN A 689 5.24 13.70 -26.44
C ASN A 689 4.40 14.79 -25.78
N GLY A 690 5.08 15.66 -25.05
CA GLY A 690 4.42 16.70 -24.27
C GLY A 690 3.96 16.20 -22.91
N VAL A 691 3.94 17.10 -21.94
CA VAL A 691 3.36 16.79 -20.63
C VAL A 691 2.61 17.95 -20.04
N ASN A 692 1.60 17.62 -19.24
CA ASN A 692 0.93 18.61 -18.43
C ASN A 692 1.41 18.43 -17.01
N VAL A 693 1.86 19.52 -16.39
CA VAL A 693 2.46 19.48 -15.08
C VAL A 693 1.62 20.29 -14.12
N ILE A 694 1.35 19.73 -12.95
CA ILE A 694 0.80 20.51 -11.86
C ILE A 694 1.76 20.38 -10.70
N SER A 695 2.25 21.51 -10.22
CA SER A 695 3.16 21.51 -9.09
C SER A 695 2.62 22.38 -7.99
N GLY A 696 3.03 22.09 -6.77
CA GLY A 696 2.62 22.88 -5.63
C GLY A 696 3.33 22.50 -4.36
N PRO A 697 3.00 23.22 -3.28
CA PRO A 697 3.55 22.99 -1.94
C PRO A 697 2.68 22.03 -1.15
N ILE A 698 3.29 21.35 -0.19
CA ILE A 698 2.60 20.48 0.76
C ILE A 698 3.06 20.86 2.16
N PHE A 699 2.11 20.95 3.08
CA PHE A 699 2.42 21.17 4.49
C PHE A 699 1.96 19.98 5.34
N ASP A 700 2.93 19.24 5.87
CA ASP A 700 2.61 18.14 6.74
C ASP A 700 3.58 18.08 7.93
N TYR A 701 3.51 19.09 8.80
CA TYR A 701 4.43 19.17 9.93
C TYR A 701 4.23 18.07 10.97
N ASN A 702 3.00 17.56 11.10
CA ASN A 702 2.74 16.47 12.03
C ASN A 702 2.80 15.09 11.38
N TYR A 703 3.36 15.03 10.18
CA TYR A 703 3.61 13.77 9.48
C TYR A 703 2.48 12.75 9.53
N ASN A 704 1.24 13.21 9.37
CA ASN A 704 0.11 12.29 9.33
C ASN A 704 -0.44 12.02 7.91
N GLY A 705 0.28 12.51 6.90
CA GLY A 705 -0.11 12.25 5.52
C GLY A 705 -1.29 13.09 5.06
N LEU A 706 -1.70 14.04 5.91
CA LEU A 706 -2.89 14.85 5.63
C LEU A 706 -2.57 16.35 5.63
N ARG A 707 -3.25 17.08 4.76
CA ARG A 707 -3.13 18.54 4.72
C ARG A 707 -3.10 19.19 6.12
N ASP A 708 -2.06 19.98 6.42
CA ASP A 708 -2.01 20.69 7.70
C ASP A 708 -3.04 21.84 7.71
N ILE A 709 -3.63 22.09 8.87
CA ILE A 709 -4.33 23.36 9.07
C ILE A 709 -3.31 24.41 9.49
N GLU A 710 -3.70 25.69 9.46
CA GLU A 710 -2.71 26.76 9.75
C GLU A 710 -1.98 26.53 11.06
N ASP A 711 -2.73 26.10 12.07
CA ASP A 711 -2.19 25.94 13.40
C ASP A 711 -1.03 24.95 13.44
N GLU A 712 -1.02 24.04 12.47
CA GLU A 712 -0.08 22.93 12.49
C GLU A 712 1.26 23.27 11.83
N ILE A 713 1.29 24.37 11.09
CA ILE A 713 2.50 24.80 10.38
C ILE A 713 3.46 25.42 11.37
N LYS A 714 4.72 24.99 11.34
CA LYS A 714 5.64 25.36 12.42
C LYS A 714 6.87 26.13 11.97
N GLN A 715 6.94 26.45 10.69
CA GLN A 715 8.09 27.19 10.21
C GLN A 715 7.67 28.22 9.18
N TYR A 716 8.26 29.41 9.27
CA TYR A 716 7.97 30.54 8.37
C TYR A 716 9.28 31.16 7.93
N VAL A 717 9.27 31.87 6.81
CA VAL A 717 10.47 32.58 6.38
C VAL A 717 10.82 33.60 7.45
N GLU A 718 12.11 33.83 7.65
CA GLU A 718 12.56 34.68 8.74
C GLU A 718 11.84 36.02 8.71
N GLY A 719 11.29 36.41 9.86
CA GLY A 719 10.68 37.72 10.06
C GLY A 719 9.33 37.91 9.41
N SER A 720 8.73 36.82 8.92
CA SER A 720 7.54 36.92 8.07
C SER A 720 6.49 35.90 8.46
N SER A 721 5.35 35.95 7.76
CA SER A 721 4.29 34.96 7.95
C SER A 721 4.14 34.06 6.72
N ILE A 722 5.18 33.98 5.91
CA ILE A 722 5.21 33.07 4.77
C ILE A 722 5.56 31.67 5.27
N PRO A 723 4.58 30.73 5.19
CA PRO A 723 4.81 29.38 5.70
C PRO A 723 5.74 28.59 4.79
N VAL A 724 6.47 27.66 5.39
CA VAL A 724 7.46 26.87 4.65
C VAL A 724 6.91 25.47 4.45
N PRO A 725 6.78 25.06 3.18
CA PRO A 725 6.32 23.71 2.83
C PRO A 725 7.30 22.66 3.35
N THR A 726 6.78 21.53 3.79
CA THR A 726 7.62 20.39 4.17
C THR A 726 8.02 19.61 2.92
N HIS A 727 7.18 19.71 1.89
CA HIS A 727 7.40 19.02 0.63
C HIS A 727 6.91 19.85 -0.55
N TYR A 728 7.42 19.55 -1.74
CA TYR A 728 6.85 20.06 -2.97
C TYR A 728 6.44 18.90 -3.86
N TYR A 729 5.27 19.00 -4.47
CA TYR A 729 4.79 17.93 -5.34
C TYR A 729 4.79 18.34 -6.80
N SER A 730 4.84 17.34 -7.68
CA SER A 730 4.58 17.58 -9.08
C SER A 730 3.86 16.37 -9.62
N ILE A 731 2.81 16.63 -10.40
CA ILE A 731 2.04 15.58 -11.05
C ILE A 731 2.18 15.77 -12.54
N ILE A 732 2.74 14.78 -13.21
CA ILE A 732 3.08 14.91 -14.63
C ILE A 732 2.27 13.91 -15.46
N THR A 733 1.42 14.45 -16.32
CA THR A 733 0.44 13.64 -17.03
C THR A 733 0.63 13.76 -18.54
N SER A 734 0.39 12.66 -19.24
CA SER A 734 0.47 12.63 -20.70
C SER A 734 -0.50 11.60 -21.28
N CYS A 735 -0.47 11.40 -22.59
CA CYS A 735 -1.36 10.43 -23.20
C CYS A 735 -0.74 9.04 -23.07
N LEU A 736 -1.53 8.06 -22.63
CA LEU A 736 -1.00 6.70 -22.53
C LEU A 736 -0.48 6.26 -23.90
N ASP A 737 -1.24 6.62 -24.94
CA ASP A 737 -0.81 6.40 -26.31
C ASP A 737 0.12 7.53 -26.67
N PHE A 738 1.42 7.28 -26.60
CA PHE A 738 2.40 8.35 -26.77
C PHE A 738 2.41 8.95 -28.19
N THR A 739 1.76 8.27 -29.13
CA THR A 739 1.72 8.82 -30.49
C THR A 739 0.87 10.09 -30.55
N GLN A 740 -0.01 10.26 -29.58
CA GLN A 740 -0.81 11.46 -29.48
C GLN A 740 -0.19 12.43 -28.47
N PRO A 741 -0.17 13.71 -28.82
CA PRO A 741 0.39 14.71 -27.91
C PRO A 741 -0.54 14.84 -26.70
N ALA A 742 -0.01 15.35 -25.60
CA ALA A 742 -0.78 15.41 -24.37
C ALA A 742 -2.07 16.24 -24.50
N ASP A 743 -2.03 17.33 -25.26
CA ASP A 743 -3.19 18.20 -25.38
C ASP A 743 -4.23 17.69 -26.38
N LYS A 744 -3.88 16.63 -27.09
CA LYS A 744 -4.75 16.05 -28.09
C LYS A 744 -5.00 14.57 -27.80
N CYS A 745 -5.13 14.24 -26.51
CA CYS A 745 -5.25 12.83 -26.13
C CYS A 745 -6.69 12.34 -26.20
N ASP A 746 -6.92 11.35 -27.05
CA ASP A 746 -8.23 10.74 -27.22
C ASP A 746 -8.62 9.81 -26.07
N GLY A 747 -7.66 9.10 -25.49
CA GLY A 747 -7.95 7.98 -24.61
C GLY A 747 -7.32 8.02 -23.22
N PRO A 748 -6.88 6.85 -22.70
CA PRO A 748 -6.37 6.78 -21.32
C PRO A 748 -5.16 7.67 -21.11
N LEU A 749 -4.93 8.07 -19.86
CA LEU A 749 -3.82 8.93 -19.51
C LEU A 749 -2.65 8.14 -18.88
N SER A 750 -1.48 8.76 -18.88
CA SER A 750 -0.31 8.22 -18.20
C SER A 750 0.13 9.27 -17.19
N VAL A 751 0.48 8.84 -15.97
CA VAL A 751 0.85 9.80 -14.92
C VAL A 751 2.06 9.30 -14.12
N SER A 752 2.91 10.24 -13.71
CA SER A 752 3.95 9.98 -12.72
C SER A 752 3.95 11.20 -11.81
N SER A 753 4.18 11.00 -10.53
CA SER A 753 4.14 12.13 -9.60
C SER A 753 5.21 11.92 -8.56
N PHE A 754 5.58 12.99 -7.88
CA PHE A 754 6.59 12.96 -6.82
C PHE A 754 6.18 13.83 -5.66
N ILE A 755 6.66 13.48 -4.48
CA ILE A 755 6.51 14.32 -3.29
C ILE A 755 7.92 14.50 -2.70
N LEU A 756 8.57 15.60 -3.08
CA LEU A 756 9.95 15.80 -2.68
C LEU A 756 10.04 16.49 -1.32
N PRO A 757 10.87 15.92 -0.44
CA PRO A 757 11.06 16.51 0.90
C PRO A 757 11.80 17.83 0.84
N HIS A 758 11.29 18.81 1.56
CA HIS A 758 11.91 20.13 1.54
C HIS A 758 12.88 20.21 2.74
N ARG A 759 14.15 19.91 2.47
CA ARG A 759 15.14 19.82 3.54
C ARG A 759 16.28 20.82 3.32
N PRO A 760 16.91 21.26 4.44
CA PRO A 760 17.98 22.27 4.41
C PRO A 760 19.32 21.71 3.96
N ASP A 761 19.39 20.39 3.80
CA ASP A 761 20.62 19.77 3.32
C ASP A 761 20.29 18.61 2.40
N ASN A 762 21.29 18.12 1.69
CA ASN A 762 21.12 16.93 0.86
C ASN A 762 21.80 15.71 1.48
N ASP A 763 21.76 15.60 2.80
CA ASP A 763 22.41 14.47 3.46
C ASP A 763 21.83 13.13 3.02
N GLU A 764 20.56 13.14 2.60
CA GLU A 764 19.91 11.93 2.11
C GLU A 764 20.61 11.36 0.87
N SER A 765 21.19 12.25 0.06
CA SER A 765 21.85 11.83 -1.18
C SER A 765 23.35 11.81 -1.00
N CYS A 766 23.92 10.61 -0.86
CA CYS A 766 25.34 10.47 -0.55
C CYS A 766 26.27 10.99 -1.65
N ASN A 767 25.75 11.12 -2.88
CA ASN A 767 26.56 11.63 -3.99
C ASN A 767 26.25 13.07 -4.38
N SER A 768 25.67 13.83 -3.45
CA SER A 768 25.17 15.15 -3.81
C SER A 768 26.31 16.14 -4.01
N SER A 769 27.53 15.76 -3.67
CA SER A 769 28.64 16.68 -3.90
C SER A 769 28.95 16.76 -5.39
N GLU A 770 28.44 15.78 -6.13
CA GLU A 770 28.63 15.73 -7.58
C GLU A 770 27.59 16.55 -8.31
N ASP A 771 27.71 16.63 -9.63
CA ASP A 771 26.74 17.36 -10.44
C ASP A 771 25.35 16.72 -10.28
N GLU A 772 24.32 17.56 -10.35
CA GLU A 772 22.94 17.12 -10.17
C GLU A 772 22.57 15.94 -11.08
N SER A 773 23.24 15.86 -12.23
CA SER A 773 23.01 14.76 -13.16
C SER A 773 23.41 13.40 -12.57
N LYS A 774 24.13 13.43 -11.45
CA LYS A 774 24.59 12.19 -10.83
C LYS A 774 23.73 11.73 -9.65
N TRP A 775 22.78 12.54 -9.20
CA TRP A 775 22.06 12.15 -7.98
C TRP A 775 20.62 12.60 -7.86
N VAL A 776 20.23 13.66 -8.56
CA VAL A 776 18.87 14.17 -8.36
C VAL A 776 17.78 13.19 -8.78
N GLU A 777 17.93 12.56 -9.93
CA GLU A 777 16.88 11.66 -10.40
C GLU A 777 16.72 10.48 -9.43
N GLU A 778 17.84 10.03 -8.88
CA GLU A 778 17.86 8.92 -7.92
C GLU A 778 17.03 9.28 -6.69
N LEU A 779 17.20 10.50 -6.20
CA LEU A 779 16.40 11.00 -5.10
C LEU A 779 14.93 11.03 -5.47
N MET A 780 14.64 11.54 -6.66
CA MET A 780 13.26 11.70 -7.08
C MET A 780 12.56 10.34 -7.17
N LYS A 781 13.24 9.36 -7.73
CA LYS A 781 12.66 8.02 -7.83
C LYS A 781 12.25 7.48 -6.46
N MET A 782 13.08 7.74 -5.46
CA MET A 782 12.81 7.26 -4.11
C MET A 782 11.55 7.91 -3.55
N HIS A 783 11.21 9.10 -4.06
CA HIS A 783 10.08 9.85 -3.55
C HIS A 783 8.93 9.95 -4.54
N THR A 784 8.88 8.98 -5.43
CA THR A 784 7.73 8.81 -6.30
C THR A 784 6.47 8.74 -5.44
N ALA A 785 5.31 9.10 -6.00
CA ALA A 785 4.08 9.13 -5.23
C ALA A 785 2.84 8.86 -6.09
N ARG A 786 1.73 8.49 -5.45
CA ARG A 786 0.45 8.44 -6.16
C ARG A 786 -0.22 9.82 -6.15
N VAL A 787 -1.04 10.09 -7.15
CA VAL A 787 -1.80 11.33 -7.14
C VAL A 787 -2.66 11.36 -5.88
N ARG A 788 -3.16 10.20 -5.49
CA ARG A 788 -4.01 10.08 -4.31
C ARG A 788 -3.26 10.55 -3.06
N ASP A 789 -1.96 10.30 -3.00
CA ASP A 789 -1.15 10.72 -1.86
C ASP A 789 -1.13 12.24 -1.75
N ILE A 790 -0.97 12.87 -2.90
CA ILE A 790 -0.97 14.33 -3.01
C ILE A 790 -2.33 14.90 -2.63
N GLU A 791 -3.41 14.21 -3.01
CA GLU A 791 -4.75 14.65 -2.64
C GLU A 791 -4.95 14.69 -1.13
N HIS A 792 -4.56 13.62 -0.43
CA HIS A 792 -4.61 13.64 1.02
C HIS A 792 -3.83 14.81 1.61
N LEU A 793 -2.64 15.06 1.07
CA LEU A 793 -1.75 16.05 1.63
C LEU A 793 -2.13 17.49 1.32
N THR A 794 -2.99 17.69 0.33
CA THR A 794 -3.29 19.06 -0.16
C THR A 794 -4.75 19.46 -0.02
N GLY A 795 -5.62 18.47 0.16
CA GLY A 795 -7.05 18.71 0.11
C GLY A 795 -7.57 19.09 -1.28
N LEU A 796 -6.82 18.74 -2.32
CA LEU A 796 -7.26 19.00 -3.69
C LEU A 796 -7.82 17.75 -4.34
N ASP A 797 -8.67 17.93 -5.35
CA ASP A 797 -9.19 16.80 -6.12
C ASP A 797 -8.91 17.00 -7.62
N PHE A 798 -8.14 16.10 -8.20
CA PHE A 798 -7.67 16.23 -9.58
C PHE A 798 -8.48 15.44 -10.62
N TYR A 799 -8.27 15.75 -11.90
CA TYR A 799 -8.88 15.00 -13.02
C TYR A 799 -10.41 15.00 -12.99
N ARG A 800 -11.00 16.13 -12.65
CA ARG A 800 -12.46 16.20 -12.55
C ARG A 800 -13.16 16.35 -13.92
N LYS A 801 -12.42 16.81 -14.93
CA LYS A 801 -12.96 16.99 -16.27
C LYS A 801 -12.17 16.23 -17.34
N THR A 802 -12.55 14.98 -17.58
CA THR A 802 -11.87 14.14 -18.55
C THR A 802 -12.92 13.39 -19.36
N SER A 803 -12.47 12.66 -20.38
CA SER A 803 -13.39 11.83 -21.16
C SER A 803 -13.41 10.39 -20.71
N ARG A 804 -12.82 10.12 -19.54
CA ARG A 804 -12.79 8.77 -19.00
C ARG A 804 -13.79 8.61 -17.87
N SER A 805 -14.09 7.37 -17.50
CA SER A 805 -15.02 7.12 -16.40
C SER A 805 -14.37 7.51 -15.08
N TYR A 806 -15.19 7.81 -14.09
CA TYR A 806 -14.68 8.17 -12.78
C TYR A 806 -13.86 7.00 -12.21
N SER A 807 -14.34 5.78 -12.41
CA SER A 807 -13.62 4.57 -11.97
C SER A 807 -12.21 4.48 -12.57
N GLU A 808 -12.11 4.69 -13.88
CA GLU A 808 -10.81 4.70 -14.55
C GLU A 808 -9.89 5.77 -13.95
N ILE A 809 -10.46 6.93 -13.65
CA ILE A 809 -9.67 8.03 -13.08
C ILE A 809 -9.17 7.68 -11.68
N LEU A 810 -10.01 6.99 -10.91
CA LEU A 810 -9.61 6.55 -9.57
C LEU A 810 -8.44 5.57 -9.67
N THR A 811 -8.50 4.67 -10.65
CA THR A 811 -7.37 3.78 -10.90
C THR A 811 -6.11 4.59 -11.22
N LEU A 812 -6.27 5.62 -12.05
CA LEU A 812 -5.13 6.44 -12.43
C LEU A 812 -4.54 7.12 -11.19
N LYS A 813 -5.41 7.57 -10.31
CA LYS A 813 -4.96 8.31 -9.14
C LYS A 813 -4.19 7.42 -8.14
N THR A 814 -4.47 6.12 -8.17
CA THR A 814 -3.80 5.20 -7.24
C THR A 814 -2.51 4.64 -7.81
N TYR A 815 -2.26 4.92 -9.10
CA TYR A 815 -1.08 4.38 -9.76
C TYR A 815 0.19 4.90 -9.09
N LEU A 816 1.20 4.04 -8.94
CA LEU A 816 2.49 4.48 -8.45
C LEU A 816 3.56 4.07 -9.47
N HIS A 817 4.30 5.05 -10.00
CA HIS A 817 5.39 4.73 -10.90
C HIS A 817 6.60 4.31 -10.05
N THR A 818 7.00 3.04 -10.11
CA THR A 818 8.04 2.55 -9.17
C THR A 818 9.49 2.58 -9.62
N TYR A 819 9.74 2.70 -10.92
CA TYR A 819 11.12 2.70 -11.44
C TYR A 819 11.89 1.40 -11.13
N GLU A 820 11.17 0.30 -11.05
CA GLU A 820 11.81 -1.00 -10.80
C GLU A 820 12.00 -1.82 -12.08
C1 NAG B . -17.28 -28.43 35.18
C2 NAG B . -18.27 -28.21 36.34
C3 NAG B . -18.95 -29.48 36.81
C4 NAG B . -19.43 -30.33 35.64
C5 NAG B . -18.34 -30.50 34.58
C6 NAG B . -18.93 -31.11 33.32
C7 NAG B . -18.09 -26.41 37.98
C8 NAG B . -19.44 -25.97 37.50
N2 NAG B . -17.60 -27.54 37.46
O3 NAG B . -20.06 -29.16 37.62
O4 NAG B . -19.79 -31.62 36.08
O5 NAG B . -17.79 -29.27 34.18
O6 NAG B . -20.09 -30.39 32.98
O7 NAG B . -17.49 -25.74 38.81
C1 NAG B . -21.20 -31.80 36.29
C2 NAG B . -21.44 -33.30 36.29
C3 NAG B . -22.81 -33.70 36.81
C4 NAG B . -23.16 -33.01 38.11
C5 NAG B . -22.83 -31.52 38.12
C6 NAG B . -22.67 -31.08 39.58
C7 NAG B . -20.16 -34.53 34.62
C8 NAG B . -20.19 -35.24 33.30
N2 NAG B . -21.27 -33.87 34.96
O3 NAG B . -22.77 -35.09 37.06
O4 NAG B . -24.54 -33.20 38.35
O5 NAG B . -21.60 -31.17 37.48
O6 NAG B . -23.85 -30.48 40.06
O7 NAG B . -19.15 -34.54 35.32
C1 NAG C . -6.21 6.15 6.41
C2 NAG C . -5.95 7.65 6.51
C3 NAG C . -6.16 8.10 7.96
C4 NAG C . -7.49 7.59 8.54
C5 NAG C . -7.81 6.15 8.15
C6 NAG C . -9.24 5.71 8.45
C7 NAG C . -4.40 8.82 4.98
C8 NAG C . -2.99 9.25 4.73
N2 NAG C . -4.62 8.04 6.05
O3 NAG C . -6.05 9.52 8.05
O4 NAG C . -7.37 7.62 9.94
O5 NAG C . -7.58 5.92 6.78
O6 NAG C . -10.15 6.66 7.90
O7 NAG C . -5.29 9.19 4.22
C1 NAG C . -8.31 8.49 10.59
C2 NAG C . -8.40 7.97 12.03
C3 NAG C . -9.38 8.83 12.85
C4 NAG C . -9.08 10.32 12.67
C5 NAG C . -8.94 10.66 11.20
C6 NAG C . -8.59 12.14 11.02
C7 NAG C . -8.02 5.53 12.14
C8 NAG C . -8.67 4.19 12.31
N2 NAG C . -8.84 6.58 12.02
O3 NAG C . -9.34 8.42 14.20
O4 NAG C . -10.18 11.07 13.13
O5 NAG C . -7.94 9.84 10.59
O6 NAG C . -7.30 12.39 11.53
O7 NAG C . -6.78 5.60 12.12
C1 BMA C . -10.07 11.42 14.52
C2 BMA C . -10.80 12.75 14.69
C3 BMA C . -10.73 13.22 16.14
C4 BMA C . -10.97 12.11 17.15
C5 BMA C . -10.45 10.75 16.70
C6 BMA C . -11.09 9.63 17.51
O2 BMA C . -12.16 12.53 14.36
O3 BMA C . -11.71 14.21 16.36
O4 BMA C . -10.33 12.47 18.36
O5 BMA C . -10.73 10.51 15.34
O6 BMA C . -10.66 8.40 16.98
C1 MAN C . -10.88 7.34 17.93
C2 MAN C . -9.71 6.35 17.90
C3 MAN C . -9.58 5.74 16.51
C4 MAN C . -10.92 5.11 16.14
C5 MAN C . -12.02 6.16 16.27
C6 MAN C . -13.38 5.61 15.84
O2 MAN C . -9.95 5.33 18.84
O3 MAN C . -8.57 4.74 16.43
O4 MAN C . -10.86 4.63 14.81
O5 MAN C . -12.07 6.64 17.60
O6 MAN C . -13.67 4.44 16.57
C1 MAN C . -7.25 5.31 16.53
C2 MAN C . -6.25 4.44 15.77
C3 MAN C . -6.22 3.03 16.33
C4 MAN C . -5.89 3.19 17.81
C5 MAN C . -6.87 4.13 18.50
C6 MAN C . -6.56 4.26 19.99
O2 MAN C . -4.97 5.01 15.91
O3 MAN C . -5.20 2.27 15.73
O4 MAN C . -5.91 1.91 18.41
O5 MAN C . -6.80 5.39 17.87
O6 MAN C . -5.26 4.81 20.15
C1 MAN C . -4.60 5.73 14.70
C2 MAN C . -3.09 5.88 14.68
C3 MAN C . -2.66 6.78 15.81
C4 MAN C . -3.39 8.11 15.69
C5 MAN C . -4.90 7.85 15.66
C6 MAN C . -5.68 9.16 15.50
O2 MAN C . -2.64 6.48 13.50
O3 MAN C . -1.26 6.98 15.72
O4 MAN C . -3.05 8.92 16.78
O5 MAN C . -5.24 6.99 14.60
O6 MAN C . -7.01 8.93 15.92
C1 NAG D . 30.93 8.28 15.89
C2 NAG D . 30.90 7.88 17.36
C3 NAG D . 32.12 8.38 18.13
C4 NAG D . 33.38 7.97 17.40
C5 NAG D . 33.29 8.30 15.91
C6 NAG D . 34.46 7.65 15.21
C7 NAG D . 28.71 7.64 18.35
C8 NAG D . 27.50 8.31 18.92
N2 NAG D . 29.71 8.42 17.96
O3 NAG D . 32.15 7.80 19.41
O4 NAG D . 34.48 8.68 17.94
O5 NAG D . 32.11 7.79 15.31
O6 NAG D . 34.44 8.12 13.90
O7 NAG D . 28.73 6.42 18.24
C1 NAG D . 35.20 7.83 18.87
C2 NAG D . 36.70 8.02 18.60
C3 NAG D . 37.60 7.61 19.77
C4 NAG D . 37.03 8.17 21.05
C5 NAG D . 35.66 7.55 21.19
C6 NAG D . 35.00 7.85 22.53
C7 NAG D . 37.79 7.71 16.44
C8 NAG D . 38.14 6.70 15.40
N2 NAG D . 37.07 7.22 17.45
O3 NAG D . 38.91 8.09 19.56
O4 NAG D . 37.89 7.86 22.13
O5 NAG D . 34.83 8.11 20.19
O6 NAG D . 33.81 8.57 22.26
O7 NAG D . 38.14 8.88 16.37
ZN ZN E . 4.49 -13.35 5.80
ZN ZN F . 8.85 -14.61 6.49
CA CA G . -0.67 16.96 8.53
NA NA H . 25.22 14.59 0.81
K K I . 18.59 34.33 1.26
OAA NKR J . 6.83 -12.10 8.74
OAB NKR J . 9.14 -12.68 9.79
PAC NKR J . 7.78 -13.31 9.13
OAD NKR J . 8.20 -14.20 8.04
OAE NKR J . 2.31 -17.92 11.07
OAF NKR J . 7.13 -14.29 10.19
CAG NKR J . 5.88 -14.83 9.79
CAH NKR J . 5.75 -16.19 10.44
CAI NKR J . 4.41 -16.89 10.28
OAJ NKR J . 3.40 -15.99 10.74
CAK NKR J . 2.29 -16.68 11.07
CAL NKR J . 1.12 -15.85 11.56
CAM NKR J . -0.17 -16.63 11.42
CAN NKR J . -1.18 -15.68 11.56
CAO NKR J . -2.51 -15.84 11.14
CAP NKR J . -3.09 -16.96 10.54
CAQ NKR J . -4.30 -16.61 9.94
CAR NKR J . -4.34 -15.59 8.98
CAS NKR J . -5.56 -15.23 8.39
CAT NKR J . -5.40 -14.62 7.15
CAU NKR J . -6.51 -14.57 6.30
CAV NKR J . -6.39 -13.97 5.04
CAW NKR J . -6.89 -12.66 4.95
CAX NKR J . -6.79 -11.50 5.75
CAY NKR J . -6.11 -11.25 6.98
CAZ NKR J . -6.43 -12.13 8.01
CBA NKR J . -6.04 -11.90 9.34
CBB NKR J . -5.30 -10.79 9.76
CBC NKR J . -5.23 -10.80 11.15
CBD NKR J . -4.05 -11.02 11.89
CBE NKR J . -2.82 -11.26 11.28
CBF NKR J . -1.95 -12.19 12.14
OBG NKR J . 6.62 -16.97 9.60
CAO NKR K . -8.69 0.94 18.01
CAP NKR K . -7.68 0.68 18.94
CAQ NKR K . -8.12 0.21 20.17
CAR NKR K . -8.35 -1.14 20.49
CAS NKR K . -8.19 -2.21 19.66
CAT NKR K . -9.22 -3.05 19.75
CAU NKR K . -9.35 -4.15 18.93
CAV NKR K . -10.43 -5.04 19.01
CAW NKR K . -11.01 -5.02 17.74
CAX NKR K . -10.52 -5.91 16.83
CAY NKR K . -9.51 -6.77 17.19
CAZ NKR K . -9.08 -7.34 16.02
CBA NKR K . -8.34 -8.49 16.02
CBB NKR K . -7.95 -9.22 17.12
CBC NKR K . -6.93 -9.88 16.51
CBD NKR K . -6.14 -10.92 17.00
CBE NKR K . -6.28 -11.47 18.25
CBF NKR K . -5.96 -12.95 18.08
S SCN L . 8.31 -5.75 10.61
C SCN L . 9.17 -5.67 12.16
N SCN L . 9.64 -5.63 13.22
S SCN M . 10.22 -4.38 19.56
C SCN M . 11.70 -5.40 19.49
N SCN M . 12.68 -6.05 19.39
C1 EDO N . -11.64 11.37 -4.81
O1 EDO N . -11.84 11.81 -6.17
C2 EDO N . -10.84 10.08 -4.81
O2 EDO N . -9.63 10.31 -5.54
C1 EDO O . -13.40 -17.11 -13.71
O1 EDO O . -13.57 -16.06 -12.73
C2 EDO O . -14.73 -17.73 -14.14
O2 EDO O . -15.45 -16.86 -15.04
C1 EDO P . 12.53 27.62 -9.83
O1 EDO P . 13.29 28.09 -8.72
C2 EDO P . 13.41 27.70 -11.07
O2 EDO P . 12.60 27.40 -12.21
C1 EDO Q . -1.84 23.82 4.27
O1 EDO Q . -1.89 22.41 4.52
C2 EDO Q . -2.49 24.16 2.93
O2 EDO Q . -3.89 23.86 2.98
C1 EDO R . 1.15 -13.46 -17.07
O1 EDO R . 0.15 -12.43 -17.04
C2 EDO R . 0.78 -14.56 -18.07
O2 EDO R . 0.79 -14.06 -19.41
C1 EDO S . 10.16 22.22 5.91
O1 EDO S . 10.09 22.35 7.33
C2 EDO S . 11.52 22.71 5.45
O2 EDO S . 12.51 21.86 6.02
C1 EDO T . 18.74 1.61 1.29
O1 EDO T . 19.27 1.18 0.03
C2 EDO T . 18.16 3.02 1.17
O2 EDO T . 16.99 3.02 0.33
C1 EDO U . 10.03 16.88 7.14
O1 EDO U . 9.15 17.92 7.60
C2 EDO U . 10.10 16.91 5.62
O2 EDO U . 10.85 18.06 5.22
C1 EDO V . -15.65 4.25 3.75
O1 EDO V . -15.63 5.56 4.36
C2 EDO V . -14.54 4.15 2.71
O2 EDO V . -13.28 4.59 3.24
C1 EDO W . -0.41 30.82 6.54
O1 EDO W . -0.94 30.42 7.81
C2 EDO W . 0.20 32.22 6.66
O2 EDO W . 1.29 32.18 7.59
C1 EDO X . -0.79 5.42 -15.31
O1 EDO X . 0.49 6.03 -15.36
C2 EDO X . -0.97 4.57 -16.57
O2 EDO X . 0.16 3.71 -16.76
C1 EDO Y . -10.58 17.71 3.04
O1 EDO Y . -10.41 17.65 4.47
C2 EDO Y . -9.26 17.33 2.38
O2 EDO Y . -8.20 17.96 3.11
C1 EDO Z . 33.03 2.41 8.77
O1 EDO Z . 32.02 1.39 8.81
C2 EDO Z . 32.50 3.69 9.43
O2 EDO Z . 33.45 4.75 9.23
C1 EDO AA . 1.34 -25.60 2.22
O1 EDO AA . 2.22 -26.60 2.74
C2 EDO AA . -0.07 -26.19 2.10
O2 EDO AA . -0.95 -25.06 2.01
C1 EDO BA . -16.44 19.78 -10.85
O1 EDO BA . -17.12 18.87 -11.71
C2 EDO BA . -15.04 20.05 -11.39
O2 EDO BA . -14.41 21.14 -10.72
C1 EDO CA . 23.85 23.51 -0.36
O1 EDO CA . 23.51 23.28 -1.73
C2 EDO CA . 22.70 24.25 0.31
O2 EDO CA . 22.93 24.33 1.72
C1 EDO DA . -7.24 6.21 -17.79
O1 EDO DA . -6.83 7.51 -17.38
C2 EDO DA . -8.57 6.32 -18.49
O2 EDO DA . -9.05 5.02 -18.81
C1 EDO EA . -16.27 -8.88 -18.09
O1 EDO EA . -17.35 -8.07 -17.60
C2 EDO EA . -16.44 -10.32 -17.57
O2 EDO EA . -15.36 -11.14 -18.06
C1 EDO FA . 16.21 17.64 -1.20
O1 EDO FA . 15.30 16.90 -0.37
C2 EDO FA . 16.87 18.74 -0.36
O2 EDO FA . 15.88 19.56 0.28
C1 EDO GA . 17.52 8.53 -2.29
O1 EDO GA . 17.92 7.19 -1.97
C2 EDO GA . 18.72 9.47 -2.20
O2 EDO GA . 19.83 8.91 -2.92
C1 EDO HA . -0.97 3.42 18.60
O1 EDO HA . -2.02 4.27 19.08
C2 EDO HA . -1.51 2.28 17.73
O2 EDO HA . -2.47 2.71 16.77
#